data_5IRC
#
_entry.id   5IRC
#
_cell.length_a   47.026
_cell.length_b   112.322
_cell.length_c   147.611
_cell.angle_alpha   90.000
_cell.angle_beta   90.000
_cell.angle_gamma   90.000
#
_symmetry.space_group_name_H-M   'P 21 21 21'
#
loop_
_entity.id
_entity.type
_entity.pdbx_description
1 polymer 'Rho GTPase-activating protein 35'
2 polymer 'Transforming protein RhoA'
3 non-polymer 'CHLORIDE ION'
4 non-polymer "GUANOSINE-5'-DIPHOSPHATE"
5 non-polymer 'MAGNESIUM ION'
6 non-polymer TRIFLUOROMAGNESATE
7 water water
#
loop_
_entity_poly.entity_id
_entity_poly.type
_entity_poly.pdbx_seq_one_letter_code
_entity_poly.pdbx_strand_id
1 'polypeptide(L)'
;AGSWESNYFGVPLTTVVTPEKPIPIFIERCIEYIEATGLSTEGIYRVSGNKSEMESLQRQFDQDHNLDLAEKDFTVNTVA
GAMKSFFSELPDPLVPYSMQIDLVEAHKINDREQKLHALKEVLKKFPKENHEVFKYVISHLNRVSHNNKVNLMTSENLSI
CFWPTLMRPDFSSMDALTATRSYQTIIELFIQQ(CSX)PFFFYNR
;
A,B
2 'polypeptide(L)'
;GAMGSPAAIRKKLVIVGDGACGKT(CSX)LLIVNSKDQFPEVYVPTVFENYVADIEVDGKQVELALWDTAGQEDYDRLRP
LSYPDTDVILMCFSIDSPDSLENIPEKWTPEVKHFCPNVPIILVGNKKDLRNDEHTRRELAKMKQEPVKPEEGRDMANRI
GAFGYMECSAKTKDGVREVFEMATRAALQA
;
F,D
#
loop_
_chem_comp.id
_chem_comp.type
_chem_comp.name
_chem_comp.formula
CL non-polymer 'CHLORIDE ION' 'Cl -1'
GDP RNA linking GUANOSINE-5'-DIPHOSPHATE 'C10 H15 N5 O11 P2'
MG non-polymer 'MAGNESIUM ION' 'Mg 2'
MGF non-polymer TRIFLUOROMAGNESATE 'F3 Mg -1'
#
# COMPACT_ATOMS: atom_id res chain seq x y z
N ALA A 1 -14.10 -4.16 -9.14
CA ALA A 1 -13.65 -3.63 -7.86
C ALA A 1 -12.15 -3.38 -7.86
N GLY A 2 -11.37 -4.45 -7.67
CA GLY A 2 -9.91 -4.39 -7.72
C GLY A 2 -9.37 -4.32 -9.14
N SER A 3 -8.31 -3.53 -9.31
CA SER A 3 -7.73 -3.25 -10.64
C SER A 3 -7.21 -4.49 -11.38
N TRP A 4 -6.86 -5.55 -10.64
CA TRP A 4 -6.38 -6.75 -11.29
C TRP A 4 -7.44 -7.32 -12.22
N GLU A 5 -8.70 -7.11 -11.87
CA GLU A 5 -9.77 -7.77 -12.61
C GLU A 5 -10.22 -6.97 -13.84
N SER A 6 -9.76 -5.72 -13.94
CA SER A 6 -10.09 -4.90 -15.11
C SER A 6 -9.63 -5.57 -16.39
N ASN A 7 -10.45 -5.44 -17.42
CA ASN A 7 -10.07 -5.93 -18.75
C ASN A 7 -9.52 -4.81 -19.62
N TYR A 8 -9.37 -3.63 -19.02
CA TYR A 8 -8.94 -2.44 -19.77
C TYR A 8 -7.63 -1.85 -19.25
N PHE A 9 -7.53 -1.73 -17.93
CA PHE A 9 -6.34 -1.24 -17.28
C PHE A 9 -5.47 -2.42 -16.84
N GLY A 10 -4.15 -2.27 -16.95
CA GLY A 10 -3.23 -3.32 -16.53
C GLY A 10 -3.20 -4.51 -17.47
N VAL A 11 -3.60 -4.29 -18.72
CA VAL A 11 -3.56 -5.34 -19.74
C VAL A 11 -2.68 -4.83 -20.89
N PRO A 12 -2.14 -5.74 -21.72
CA PRO A 12 -1.22 -5.29 -22.77
C PRO A 12 -1.81 -4.21 -23.68
N LEU A 13 -0.98 -3.24 -24.07
CA LEU A 13 -1.41 -2.15 -24.92
C LEU A 13 -2.09 -2.64 -26.18
N THR A 14 -1.56 -3.72 -26.76
CA THR A 14 -2.08 -4.23 -28.01
C THR A 14 -3.53 -4.72 -27.86
N THR A 15 -3.96 -5.02 -26.63
CA THR A 15 -5.33 -5.52 -26.44
C THR A 15 -6.37 -4.39 -26.33
N VAL A 16 -5.92 -3.15 -26.16
CA VAL A 16 -6.86 -2.03 -26.11
C VAL A 16 -6.66 -1.03 -27.26
N VAL A 17 -5.98 -1.46 -28.31
CA VAL A 17 -5.90 -0.68 -29.56
C VAL A 17 -6.17 -1.59 -30.74
N THR A 18 -6.48 -1.00 -31.88
CA THR A 18 -6.61 -1.74 -33.15
C THR A 18 -5.89 -0.95 -34.25
N PRO A 19 -5.59 -1.61 -35.40
CA PRO A 19 -4.99 -0.86 -36.51
C PRO A 19 -5.85 0.32 -36.93
N GLU A 20 -7.15 0.11 -36.87
CA GLU A 20 -8.13 1.12 -37.25
C GLU A 20 -8.26 2.24 -36.20
N LYS A 21 -8.14 1.88 -34.93
CA LYS A 21 -8.21 2.84 -33.83
C LYS A 21 -6.99 2.67 -32.96
N PRO A 22 -5.85 3.25 -33.39
CA PRO A 22 -4.58 2.99 -32.69
C PRO A 22 -4.45 3.68 -31.34
N ILE A 23 -5.33 4.61 -31.00
CA ILE A 23 -5.22 5.27 -29.69
C ILE A 23 -6.23 4.65 -28.75
N PRO A 24 -5.79 4.19 -27.56
CA PRO A 24 -6.78 3.66 -26.62
C PRO A 24 -7.89 4.69 -26.38
N ILE A 25 -9.13 4.23 -26.33
CA ILE A 25 -10.28 5.12 -26.19
C ILE A 25 -10.17 5.99 -24.94
N PHE A 26 -9.71 5.39 -23.85
CA PHE A 26 -9.53 6.13 -22.61
C PHE A 26 -8.52 7.27 -22.77
N ILE A 27 -7.46 7.03 -23.53
CA ILE A 27 -6.41 8.03 -23.70
C ILE A 27 -6.95 9.17 -24.59
N GLU A 28 -7.66 8.80 -25.63
CA GLU A 28 -8.29 9.81 -26.49
C GLU A 28 -9.26 10.67 -25.68
N ARG A 29 -10.03 10.02 -24.81
CA ARG A 29 -11.05 10.70 -24.02
C ARG A 29 -10.40 11.71 -23.05
N CYS A 30 -9.35 11.28 -22.38
CA CYS A 30 -8.65 12.13 -21.42
C CYS A 30 -7.95 13.28 -22.10
N ILE A 31 -7.24 12.99 -23.17
CA ILE A 31 -6.45 14.02 -23.82
C ILE A 31 -7.36 15.03 -24.53
N GLU A 32 -8.43 14.57 -25.17
CA GLU A 32 -9.34 15.51 -25.82
C GLU A 32 -9.97 16.44 -24.78
N TYR A 33 -10.28 15.90 -23.61
CA TYR A 33 -10.88 16.69 -22.55
C TYR A 33 -9.90 17.73 -22.03
N ILE A 34 -8.65 17.33 -21.88
CA ILE A 34 -7.63 18.21 -21.33
C ILE A 34 -7.33 19.32 -22.34
N GLU A 35 -7.32 18.98 -23.62
CA GLU A 35 -7.10 20.02 -24.63
C GLU A 35 -8.27 20.99 -24.72
N ALA A 36 -9.47 20.48 -24.48
CA ALA A 36 -10.66 21.33 -24.53
C ALA A 36 -10.76 22.26 -23.32
N THR A 37 -10.26 21.84 -22.17
CA THR A 37 -10.56 22.58 -20.93
C THR A 37 -9.36 22.87 -20.04
N GLY A 38 -8.21 22.28 -20.34
CA GLY A 38 -7.10 22.33 -19.41
C GLY A 38 -5.83 23.03 -19.85
N LEU A 39 -5.79 23.58 -21.07
CA LEU A 39 -4.52 24.07 -21.58
C LEU A 39 -4.05 25.35 -20.89
N SER A 40 -4.93 25.99 -20.14
CA SER A 40 -4.56 27.22 -19.44
C SER A 40 -4.37 26.98 -17.96
N THR A 41 -4.42 25.71 -17.56
CA THR A 41 -4.25 25.36 -16.16
C THR A 41 -2.79 25.45 -15.78
N GLU A 42 -2.46 26.32 -14.84
CA GLU A 42 -1.09 26.46 -14.39
C GLU A 42 -0.59 25.13 -13.84
N GLY A 43 0.54 24.67 -14.38
CA GLY A 43 1.14 23.43 -13.93
C GLY A 43 0.39 22.15 -14.28
N ILE A 44 -0.39 22.16 -15.36
CA ILE A 44 -1.01 20.93 -15.82
C ILE A 44 0.10 19.88 -16.01
N TYR A 45 -0.14 18.69 -15.42
CA TYR A 45 0.79 17.52 -15.32
C TYR A 45 1.85 17.66 -14.22
N ARG A 46 2.04 18.86 -13.69
CA ARG A 46 2.89 19.04 -12.52
C ARG A 46 2.07 18.94 -11.24
N VAL A 47 0.95 19.65 -11.22
CA VAL A 47 0.07 19.64 -10.05
C VAL A 47 -0.54 18.25 -9.89
N SER A 48 -0.42 17.66 -8.69
CA SER A 48 -0.98 16.33 -8.44
C SER A 48 -2.50 16.30 -8.52
N GLY A 49 -3.02 15.24 -9.13
CA GLY A 49 -4.47 15.07 -9.15
C GLY A 49 -4.93 14.41 -7.86
N ASN A 50 -6.24 14.46 -7.65
CA ASN A 50 -6.88 13.81 -6.51
C ASN A 50 -6.86 12.30 -6.67
N LYS A 51 -6.06 11.61 -5.86
CA LYS A 51 -5.79 10.18 -6.10
C LYS A 51 -7.07 9.34 -6.02
N SER A 52 -7.88 9.61 -5.01
CA SER A 52 -9.15 8.93 -4.83
C SER A 52 -10.06 9.14 -6.04
N GLU A 53 -10.14 10.38 -6.53
CA GLU A 53 -11.00 10.66 -7.66
C GLU A 53 -10.45 10.08 -8.96
N MET A 54 -9.12 10.02 -9.08
CA MET A 54 -8.48 9.40 -10.24
C MET A 54 -8.89 7.94 -10.32
N GLU A 55 -8.87 7.26 -9.17
CA GLU A 55 -9.23 5.85 -9.15
C GLU A 55 -10.71 5.69 -9.47
N SER A 56 -11.52 6.63 -8.99
CA SER A 56 -12.96 6.59 -9.22
C SER A 56 -13.24 6.72 -10.72
N LEU A 57 -12.52 7.63 -11.38
CA LEU A 57 -12.65 7.83 -12.82
C LEU A 57 -12.33 6.54 -13.59
N GLN A 58 -11.24 5.88 -13.22
CA GLN A 58 -10.88 4.62 -13.84
C GLN A 58 -11.96 3.56 -13.62
N ARG A 59 -12.49 3.44 -12.40
CA ARG A 59 -13.51 2.44 -12.16
C ARG A 59 -14.80 2.76 -12.92
N GLN A 60 -15.14 4.04 -13.04
CA GLN A 60 -16.35 4.38 -13.77
C GLN A 60 -16.16 4.12 -15.25
N PHE A 61 -14.94 4.29 -15.75
CA PHE A 61 -14.66 3.97 -17.15
C PHE A 61 -14.73 2.47 -17.39
N ASP A 62 -14.14 1.68 -16.49
CA ASP A 62 -14.26 0.23 -16.51
C ASP A 62 -15.70 -0.19 -16.70
N GLN A 63 -16.60 0.41 -15.93
CA GLN A 63 -18.02 0.08 -15.98
C GLN A 63 -18.69 0.55 -17.25
N ASP A 64 -18.20 1.65 -17.83
CA ASP A 64 -18.80 2.23 -19.02
C ASP A 64 -17.75 2.89 -19.92
N HIS A 65 -17.31 2.19 -20.97
CA HIS A 65 -16.30 2.74 -21.88
C HIS A 65 -16.79 3.99 -22.61
N ASN A 66 -18.08 4.27 -22.53
CA ASN A 66 -18.62 5.48 -23.15
C ASN A 66 -18.75 6.65 -22.18
N LEU A 67 -18.05 6.55 -21.05
CA LEU A 67 -18.03 7.60 -20.03
C LEU A 67 -17.78 8.99 -20.65
N ASP A 68 -18.58 9.95 -20.23
CA ASP A 68 -18.54 11.31 -20.76
C ASP A 68 -17.89 12.25 -19.74
N LEU A 69 -16.69 12.72 -20.01
CA LEU A 69 -15.97 13.59 -19.07
C LEU A 69 -16.56 14.99 -19.04
N ALA A 70 -17.08 15.43 -20.18
CA ALA A 70 -17.72 16.74 -20.26
C ALA A 70 -18.94 16.75 -19.36
N GLU A 71 -19.56 15.57 -19.22
CA GLU A 71 -20.76 15.42 -18.41
C GLU A 71 -20.46 15.24 -16.93
N LYS A 72 -19.39 14.51 -16.62
CA LYS A 72 -19.02 14.26 -15.22
C LYS A 72 -18.38 15.49 -14.59
N ASP A 73 -18.03 15.39 -13.31
CA ASP A 73 -17.49 16.52 -12.59
C ASP A 73 -16.04 16.32 -12.17
N PHE A 74 -15.33 15.45 -12.89
CA PHE A 74 -13.91 15.28 -12.63
C PHE A 74 -13.19 16.53 -13.09
N THR A 75 -12.27 17.02 -12.25
CA THR A 75 -11.48 18.20 -12.58
C THR A 75 -10.28 17.85 -13.48
N VAL A 76 -9.62 18.86 -14.05
CA VAL A 76 -8.61 18.60 -15.06
C VAL A 76 -7.42 17.78 -14.52
N ASN A 77 -7.02 18.03 -13.27
CA ASN A 77 -5.85 17.30 -12.76
C ASN A 77 -6.19 15.85 -12.45
N THR A 78 -7.46 15.58 -12.19
CA THR A 78 -7.93 14.20 -11.98
C THR A 78 -7.88 13.43 -13.30
N VAL A 79 -8.33 14.08 -14.37
CA VAL A 79 -8.28 13.46 -15.69
C VAL A 79 -6.83 13.25 -16.11
N ALA A 80 -5.97 14.24 -15.88
CA ALA A 80 -4.55 14.11 -16.20
C ALA A 80 -3.90 12.96 -15.42
N GLY A 81 -4.21 12.88 -14.13
CA GLY A 81 -3.66 11.82 -13.31
C GLY A 81 -4.15 10.44 -13.73
N ALA A 82 -5.43 10.33 -14.08
CA ALA A 82 -6.00 9.03 -14.48
C ALA A 82 -5.35 8.58 -15.80
N MET A 83 -5.05 9.56 -16.63
CA MET A 83 -4.39 9.29 -17.90
C MET A 83 -2.99 8.74 -17.63
N LYS A 84 -2.25 9.37 -16.72
CA LYS A 84 -0.95 8.81 -16.32
C LYS A 84 -1.07 7.39 -15.76
N SER A 85 -2.09 7.14 -14.95
CA SER A 85 -2.30 5.80 -14.40
C SER A 85 -2.45 4.74 -15.49
N PHE A 86 -3.11 5.08 -16.59
CA PHE A 86 -3.22 4.10 -17.68
C PHE A 86 -1.82 3.64 -18.09
N PHE A 87 -0.93 4.60 -18.28
CA PHE A 87 0.41 4.27 -18.76
C PHE A 87 1.28 3.60 -17.69
N SER A 88 1.12 3.98 -16.44
CA SER A 88 1.91 3.35 -15.38
C SER A 88 1.40 1.94 -15.07
N GLU A 89 0.14 1.64 -15.43
CA GLU A 89 -0.42 0.31 -15.19
C GLU A 89 -0.22 -0.67 -16.35
N LEU A 90 0.22 -0.17 -17.50
CA LEU A 90 0.58 -1.05 -18.60
C LEU A 90 1.57 -2.11 -18.12
N PRO A 91 1.39 -3.36 -18.57
CA PRO A 91 2.32 -4.44 -18.21
C PRO A 91 3.77 -4.08 -18.48
N ASP A 92 4.01 -3.40 -19.62
CA ASP A 92 5.35 -2.95 -19.97
C ASP A 92 5.26 -1.47 -20.32
N PRO A 93 6.36 -0.71 -20.12
CA PRO A 93 6.31 0.73 -20.38
C PRO A 93 6.01 1.07 -21.85
N LEU A 94 5.39 2.23 -22.08
CA LEU A 94 5.04 2.62 -23.45
C LEU A 94 6.28 2.67 -24.35
N VAL A 95 7.37 3.20 -23.82
CA VAL A 95 8.66 3.16 -24.51
C VAL A 95 9.36 1.89 -24.03
N PRO A 96 9.52 0.88 -24.90
CA PRO A 96 10.11 -0.37 -24.42
C PRO A 96 11.53 -0.20 -23.89
N TYR A 97 11.91 -0.97 -22.88
CA TYR A 97 13.27 -0.90 -22.30
C TYR A 97 14.38 -1.04 -23.34
N SER A 98 14.21 -1.93 -24.32
CA SER A 98 15.22 -2.08 -25.37
C SER A 98 15.36 -0.80 -26.22
N MET A 99 14.26 -0.09 -26.42
CA MET A 99 14.32 1.17 -27.16
C MET A 99 15.01 2.26 -26.35
N GLN A 100 14.85 2.24 -25.03
CA GLN A 100 15.44 3.26 -24.17
C GLN A 100 16.96 3.19 -24.26
N ILE A 101 17.50 1.98 -24.31
CA ILE A 101 18.94 1.78 -24.47
C ILE A 101 19.43 2.39 -25.80
N ASP A 102 18.68 2.14 -26.86
CA ASP A 102 19.03 2.69 -28.16
C ASP A 102 18.90 4.22 -28.20
N LEU A 103 17.91 4.74 -27.48
CA LEU A 103 17.71 6.20 -27.42
C LEU A 103 18.88 6.86 -26.69
N VAL A 104 19.31 6.25 -25.59
CA VAL A 104 20.46 6.77 -24.84
C VAL A 104 21.74 6.78 -25.67
N GLU A 105 21.94 5.74 -26.48
CA GLU A 105 23.09 5.67 -27.37
C GLU A 105 23.06 6.79 -28.42
N ALA A 106 21.90 6.95 -29.04
CA ALA A 106 21.69 8.01 -30.03
C ALA A 106 21.91 9.38 -29.42
N HIS A 107 21.48 9.58 -28.19
CA HIS A 107 21.55 10.90 -27.58
C HIS A 107 22.98 11.37 -27.30
N LYS A 108 23.92 10.44 -27.27
CA LYS A 108 25.30 10.77 -26.96
C LYS A 108 26.04 11.36 -28.14
N ILE A 109 25.45 11.23 -29.33
CA ILE A 109 26.03 11.79 -30.54
C ILE A 109 26.15 13.28 -30.34
N ASN A 110 27.36 13.79 -30.51
CA ASN A 110 27.68 15.18 -30.25
C ASN A 110 27.03 16.10 -31.29
N ASP A 111 27.17 15.75 -32.57
CA ASP A 111 26.58 16.56 -33.63
C ASP A 111 25.07 16.57 -33.55
N ARG A 112 24.54 17.74 -33.17
CA ARG A 112 23.13 18.03 -33.05
C ARG A 112 22.22 17.44 -34.13
N GLU A 113 22.53 17.74 -35.39
CA GLU A 113 21.73 17.24 -36.50
C GLU A 113 21.83 15.72 -36.57
N GLN A 114 23.05 15.21 -36.44
CA GLN A 114 23.26 13.76 -36.44
C GLN A 114 22.51 13.11 -35.28
N LYS A 115 22.54 13.78 -34.14
CA LYS A 115 21.84 13.28 -32.94
C LYS A 115 20.35 13.18 -33.21
N LEU A 116 19.76 14.23 -33.76
CA LEU A 116 18.31 14.23 -33.98
C LEU A 116 17.94 13.17 -35.01
N HIS A 117 18.73 13.07 -36.08
CA HIS A 117 18.48 12.04 -37.09
C HIS A 117 18.60 10.64 -36.49
N ALA A 118 19.60 10.45 -35.62
CA ALA A 118 19.79 9.15 -34.97
C ALA A 118 18.61 8.78 -34.07
N LEU A 119 18.11 9.77 -33.33
CA LEU A 119 16.96 9.56 -32.46
C LEU A 119 15.72 9.19 -33.27
N LYS A 120 15.55 9.83 -34.42
CA LYS A 120 14.40 9.55 -35.28
C LYS A 120 14.51 8.13 -35.84
N GLU A 121 15.73 7.70 -36.15
CA GLU A 121 15.92 6.34 -36.63
C GLU A 121 15.51 5.35 -35.54
N VAL A 122 15.74 5.69 -34.28
CA VAL A 122 15.34 4.76 -33.22
C VAL A 122 13.81 4.68 -33.15
N LEU A 123 13.13 5.81 -33.33
CA LEU A 123 11.67 5.82 -33.36
C LEU A 123 11.11 4.80 -34.33
N LYS A 124 11.72 4.69 -35.50
CA LYS A 124 11.25 3.78 -36.53
C LYS A 124 11.38 2.32 -36.08
N LYS A 125 12.14 2.09 -35.02
CA LYS A 125 12.28 0.74 -34.50
C LYS A 125 11.21 0.37 -33.45
N PHE A 126 10.47 1.35 -32.91
CA PHE A 126 9.38 1.05 -31.95
C PHE A 126 8.41 0.06 -32.58
N PRO A 127 7.80 -0.81 -31.77
CA PRO A 127 6.60 -1.52 -32.23
C PRO A 127 5.58 -0.50 -32.76
N LYS A 128 4.87 -0.83 -33.84
CA LYS A 128 3.98 0.14 -34.47
C LYS A 128 2.90 0.65 -33.51
N GLU A 129 2.37 -0.25 -32.67
CA GLU A 129 1.32 0.15 -31.76
C GLU A 129 1.83 1.18 -30.75
N ASN A 130 2.99 0.89 -30.17
CA ASN A 130 3.62 1.82 -29.23
C ASN A 130 3.97 3.15 -29.90
N HIS A 131 4.45 3.07 -31.13
CA HIS A 131 4.84 4.28 -31.85
C HIS A 131 3.66 5.24 -31.99
N GLU A 132 2.52 4.70 -32.43
CA GLU A 132 1.34 5.54 -32.64
C GLU A 132 0.87 6.23 -31.36
N VAL A 133 0.87 5.51 -30.25
CA VAL A 133 0.42 6.08 -28.98
C VAL A 133 1.46 7.07 -28.45
N PHE A 134 2.74 6.74 -28.60
CA PHE A 134 3.82 7.64 -28.18
C PHE A 134 3.72 8.94 -28.97
N LYS A 135 3.55 8.85 -30.29
CA LYS A 135 3.34 10.03 -31.13
C LYS A 135 2.17 10.87 -30.63
N TYR A 136 1.07 10.21 -30.28
CA TYR A 136 -0.14 10.90 -29.84
C TYR A 136 0.08 11.66 -28.55
N VAL A 137 0.74 11.02 -27.59
CA VAL A 137 1.02 11.67 -26.31
C VAL A 137 2.04 12.80 -26.43
N ILE A 138 3.12 12.56 -27.16
CA ILE A 138 4.14 13.60 -27.33
C ILE A 138 3.56 14.81 -28.08
N SER A 139 2.71 14.56 -29.08
CA SER A 139 2.12 15.66 -29.84
C SER A 139 1.21 16.48 -28.94
N HIS A 140 0.46 15.81 -28.06
CA HIS A 140 -0.36 16.50 -27.06
C HIS A 140 0.51 17.37 -26.14
N LEU A 141 1.59 16.81 -25.64
CA LEU A 141 2.47 17.54 -24.74
C LEU A 141 3.09 18.74 -25.45
N ASN A 142 3.40 18.57 -26.73
CA ASN A 142 3.88 19.70 -27.52
C ASN A 142 2.83 20.81 -27.58
N ARG A 143 1.57 20.44 -27.80
CA ARG A 143 0.49 21.44 -27.82
C ARG A 143 0.33 22.13 -26.45
N VAL A 144 0.48 21.37 -25.37
CA VAL A 144 0.47 21.99 -24.05
C VAL A 144 1.59 23.03 -23.92
N SER A 145 2.78 22.66 -24.37
CA SER A 145 3.93 23.56 -24.28
C SER A 145 3.72 24.87 -25.03
N HIS A 146 2.88 24.85 -26.07
CA HIS A 146 2.66 26.08 -26.84
C HIS A 146 2.02 27.18 -26.02
N ASN A 147 1.36 26.80 -24.92
CA ASN A 147 0.70 27.79 -24.10
C ASN A 147 1.46 28.03 -22.79
N ASN A 148 2.77 27.81 -22.81
CA ASN A 148 3.53 27.85 -21.55
C ASN A 148 3.63 29.23 -20.92
N LYS A 149 3.39 30.30 -21.69
CA LYS A 149 3.36 31.63 -21.07
C LYS A 149 2.23 31.71 -20.04
N VAL A 150 1.20 30.91 -20.23
CA VAL A 150 0.07 30.88 -19.31
C VAL A 150 0.15 29.68 -18.36
N ASN A 151 0.40 28.48 -18.89
CA ASN A 151 0.33 27.30 -18.03
C ASN A 151 1.69 26.94 -17.39
N LEU A 152 2.71 27.69 -17.78
CA LEU A 152 4.09 27.59 -17.27
C LEU A 152 4.79 26.25 -17.54
N MET A 153 4.17 25.39 -18.36
CA MET A 153 4.71 24.07 -18.65
C MET A 153 5.46 24.05 -19.98
N THR A 154 6.73 24.41 -19.90
CA THR A 154 7.68 24.28 -20.99
C THR A 154 7.91 22.81 -21.35
N SER A 155 8.59 22.56 -22.46
CA SER A 155 8.91 21.18 -22.82
C SER A 155 9.78 20.52 -21.74
N GLU A 156 10.68 21.31 -21.14
CA GLU A 156 11.49 20.79 -20.03
C GLU A 156 10.61 20.33 -18.86
N ASN A 157 9.69 21.20 -18.43
CA ASN A 157 8.81 20.88 -17.31
C ASN A 157 7.90 19.67 -17.62
N LEU A 158 7.39 19.60 -18.84
CA LEU A 158 6.53 18.49 -19.22
C LEU A 158 7.31 17.18 -19.19
N SER A 159 8.54 17.23 -19.67
CA SER A 159 9.39 16.04 -19.61
C SER A 159 9.59 15.61 -18.15
N ILE A 160 9.98 16.55 -17.29
CA ILE A 160 10.18 16.23 -15.86
C ILE A 160 8.91 15.60 -15.28
N CYS A 161 7.75 16.08 -15.72
CA CYS A 161 6.48 15.61 -15.14
C CYS A 161 5.78 14.55 -15.99
N PHE A 162 6.50 13.88 -16.88
CA PHE A 162 5.85 12.81 -17.64
C PHE A 162 6.80 11.69 -18.09
N TRP A 163 8.10 11.94 -18.23
CA TRP A 163 8.95 10.91 -18.84
C TRP A 163 9.01 9.61 -18.00
N PRO A 164 8.99 9.68 -16.64
CA PRO A 164 9.02 8.38 -15.98
C PRO A 164 7.74 7.55 -16.20
N THR A 165 6.62 8.21 -16.40
CA THR A 165 5.36 7.52 -16.70
C THR A 165 5.53 6.71 -18.00
N LEU A 166 6.23 7.32 -18.96
CA LEU A 166 6.44 6.67 -20.26
C LEU A 166 7.54 5.60 -20.27
N MET A 167 8.51 5.72 -19.38
CA MET A 167 9.69 4.86 -19.45
C MET A 167 9.89 3.92 -18.25
N ARG A 168 9.26 4.24 -17.12
CA ARG A 168 9.28 3.36 -15.95
C ARG A 168 10.71 3.06 -15.47
N PRO A 169 11.46 4.09 -15.07
CA PRO A 169 12.88 3.95 -14.79
C PRO A 169 13.25 3.21 -13.51
N ASP A 170 14.48 2.73 -13.46
CA ASP A 170 15.11 2.27 -12.23
C ASP A 170 15.51 3.48 -11.40
N PHE A 171 14.89 3.60 -10.23
CA PHE A 171 15.16 4.69 -9.29
C PHE A 171 15.78 4.15 -7.99
N SER A 172 16.49 3.03 -8.07
CA SER A 172 16.84 2.28 -6.85
C SER A 172 18.08 2.77 -6.14
N SER A 173 18.82 3.68 -6.73
CA SER A 173 20.03 4.20 -6.11
C SER A 173 20.35 5.59 -6.65
N MET A 174 21.30 6.27 -6.01
CA MET A 174 21.69 7.59 -6.48
C MET A 174 22.33 7.54 -7.87
N ASP A 175 23.17 6.54 -8.09
CA ASP A 175 23.82 6.37 -9.40
C ASP A 175 22.78 6.09 -10.47
N ALA A 176 21.77 5.30 -10.13
CA ALA A 176 20.66 5.08 -11.06
C ALA A 176 19.93 6.40 -11.36
N LEU A 177 19.76 7.25 -10.34
CA LEU A 177 19.10 8.54 -10.52
C LEU A 177 19.86 9.44 -11.51
N THR A 178 21.17 9.57 -11.34
CA THR A 178 21.91 10.45 -12.25
C THR A 178 21.85 9.93 -13.67
N ALA A 179 21.78 8.60 -13.81
CA ALA A 179 21.72 7.97 -15.12
C ALA A 179 20.40 8.27 -15.83
N THR A 180 19.47 8.91 -15.13
CA THR A 180 18.17 9.21 -15.74
C THR A 180 18.10 10.61 -16.33
N ARG A 181 19.12 11.43 -16.10
CA ARG A 181 19.15 12.79 -16.64
C ARG A 181 19.05 12.79 -18.16
N SER A 182 19.57 11.73 -18.79
CA SER A 182 19.48 11.62 -20.24
C SER A 182 18.05 11.37 -20.69
N TYR A 183 17.30 10.58 -19.93
CA TYR A 183 15.91 10.30 -20.25
C TYR A 183 15.09 11.58 -20.27
N GLN A 184 15.33 12.42 -19.26
CA GLN A 184 14.61 13.70 -19.19
C GLN A 184 14.91 14.52 -20.44
N THR A 185 16.18 14.57 -20.83
CA THR A 185 16.60 15.38 -21.98
C THR A 185 15.99 14.84 -23.28
N ILE A 186 16.01 13.53 -23.41
CA ILE A 186 15.48 12.87 -24.60
C ILE A 186 13.99 13.16 -24.79
N ILE A 187 13.20 13.02 -23.73
CA ILE A 187 11.78 13.29 -23.88
C ILE A 187 11.54 14.78 -24.10
N GLU A 188 12.38 15.64 -23.50
CA GLU A 188 12.26 17.08 -23.75
C GLU A 188 12.45 17.36 -25.24
N LEU A 189 13.41 16.68 -25.83
CA LEU A 189 13.67 16.87 -27.26
C LEU A 189 12.51 16.39 -28.14
N PHE A 190 11.93 15.24 -27.79
CA PHE A 190 10.81 14.74 -28.58
C PHE A 190 9.63 15.71 -28.51
N ILE A 191 9.41 16.32 -27.34
CA ILE A 191 8.31 17.27 -27.16
C ILE A 191 8.62 18.55 -27.93
N GLN A 192 9.79 19.13 -27.68
CA GLN A 192 10.15 20.41 -28.29
C GLN A 192 10.25 20.30 -29.81
N GLN A 193 10.83 19.21 -30.29
CA GLN A 193 11.03 19.08 -31.73
C GLN A 193 10.03 18.07 -32.33
N CSX A 194 8.85 18.03 -31.74
CA CSX A 194 7.80 17.15 -32.21
CB CSX A 194 6.50 17.39 -31.43
SG CSX A 194 5.13 16.34 -31.81
C CSX A 194 7.57 17.17 -33.72
O CSX A 194 7.48 16.13 -34.37
OD CSX A 194 4.59 16.96 -33.11
N PRO A 195 7.52 18.38 -34.32
CA PRO A 195 7.34 18.40 -35.78
C PRO A 195 8.38 17.58 -36.58
N PHE A 196 9.66 17.74 -36.26
CA PHE A 196 10.72 16.99 -36.93
C PHE A 196 10.51 15.49 -36.76
N PHE A 197 10.17 15.07 -35.55
CA PHE A 197 10.04 13.65 -35.28
C PHE A 197 8.75 13.00 -35.81
N PHE A 198 7.64 13.75 -35.87
CA PHE A 198 6.34 13.11 -36.10
C PHE A 198 5.46 13.68 -37.22
N TYR A 199 5.78 14.84 -37.78
CA TYR A 199 4.94 15.34 -38.87
C TYR A 199 5.20 14.63 -40.20
N ASN A 200 4.14 14.48 -40.98
CA ASN A 200 4.23 13.96 -42.34
C ASN A 200 3.37 14.82 -43.29
N ARG A 201 3.97 15.30 -44.37
CA ARG A 201 3.29 16.22 -45.29
C ARG A 201 2.53 15.50 -46.41
N ILE B 9 24.38 19.53 16.84
CA ILE B 9 23.37 18.48 16.67
C ILE B 9 22.88 18.41 15.23
N ARG B 10 23.02 17.25 14.60
CA ARG B 10 22.56 17.06 13.23
C ARG B 10 21.26 16.26 13.19
N LYS B 11 20.28 16.76 12.44
CA LYS B 11 18.99 16.10 12.29
C LYS B 11 18.56 16.13 10.84
N LYS B 12 17.85 15.09 10.41
CA LYS B 12 17.41 15.00 9.03
C LYS B 12 15.92 15.26 8.89
N LEU B 13 15.57 16.19 8.00
CA LEU B 13 14.18 16.50 7.71
C LEU B 13 13.91 16.16 6.25
N VAL B 14 12.80 15.46 6.01
CA VAL B 14 12.31 15.20 4.66
C VAL B 14 10.96 15.89 4.48
N ILE B 15 10.80 16.58 3.34
CA ILE B 15 9.54 17.23 3.03
C ILE B 15 8.84 16.49 1.86
N VAL B 16 7.54 16.22 2.03
CA VAL B 16 6.77 15.52 1.00
C VAL B 16 5.40 16.17 0.83
N GLY B 17 4.73 15.84 -0.26
CA GLY B 17 3.42 16.40 -0.53
C GLY B 17 3.24 16.64 -2.01
N ASP B 18 2.00 16.94 -2.40
CA ASP B 18 1.63 17.05 -3.82
C ASP B 18 2.54 17.96 -4.64
N GLY B 19 2.68 17.60 -5.91
CA GLY B 19 3.38 18.46 -6.84
C GLY B 19 2.78 19.86 -6.83
N ALA B 20 3.69 20.84 -6.72
CA ALA B 20 3.41 22.28 -6.78
C ALA B 20 2.65 22.78 -5.56
N CYS B 21 2.64 22.01 -4.49
CA CYS B 21 1.94 22.50 -3.31
C CYS B 21 2.81 23.43 -2.45
N GLY B 22 4.05 23.70 -2.86
CA GLY B 22 4.89 24.72 -2.22
C GLY B 22 6.04 24.26 -1.33
N LYS B 23 6.48 23.01 -1.50
CA LYS B 23 7.54 22.44 -0.67
C LYS B 23 8.88 23.16 -0.79
N THR B 24 9.34 23.35 -2.03
CA THR B 24 10.63 23.96 -2.23
C THR B 24 10.64 25.42 -1.79
N CSX B 25 9.54 26.13 -2.07
CA CSX B 25 9.45 27.51 -1.65
CB CSX B 25 8.22 28.23 -2.20
SG CSX B 25 8.34 28.68 -3.89
C CSX B 25 9.54 27.64 -0.13
O CSX B 25 10.15 28.55 0.44
OD CSX B 25 9.16 29.98 -3.88
N LEU B 26 8.92 26.68 0.55
CA LEU B 26 8.95 26.64 2.02
C LEU B 26 10.39 26.43 2.52
N LEU B 27 11.09 25.45 1.97
CA LEU B 27 12.50 25.24 2.31
C LEU B 27 13.37 26.49 2.01
N ILE B 28 13.23 27.02 0.79
CA ILE B 28 14.08 28.12 0.32
C ILE B 28 13.89 29.41 1.11
N VAL B 29 12.64 29.71 1.46
CA VAL B 29 12.33 30.92 2.23
C VAL B 29 13.09 30.89 3.55
N ASN B 30 13.23 29.69 4.07
CA ASN B 30 14.22 29.36 5.08
C ASN B 30 15.55 29.10 4.39
N VAL B 38 11.06 30.83 -9.58
CA VAL B 38 11.10 29.98 -10.76
C VAL B 38 9.95 28.97 -10.77
N TYR B 39 9.54 28.53 -11.96
CA TYR B 39 8.57 27.45 -12.02
C TYR B 39 9.26 26.18 -12.51
N VAL B 40 9.87 25.46 -11.58
CA VAL B 40 10.64 24.26 -11.90
C VAL B 40 10.31 23.17 -10.90
N PRO B 41 9.81 22.02 -11.39
CA PRO B 41 9.58 20.93 -10.43
C PRO B 41 10.88 20.29 -9.98
N THR B 42 10.96 20.00 -8.69
CA THR B 42 12.07 19.30 -8.07
C THR B 42 12.05 17.82 -8.42
N VAL B 43 13.23 17.24 -8.65
CA VAL B 43 13.39 15.79 -8.72
C VAL B 43 14.03 15.27 -7.41
N PHE B 44 15.20 15.82 -7.08
CA PHE B 44 15.93 15.47 -5.85
C PHE B 44 16.91 16.59 -5.52
N GLU B 45 16.73 17.25 -4.38
CA GLU B 45 17.69 18.28 -3.95
C GLU B 45 17.88 18.22 -2.44
N ASN B 46 19.03 18.69 -1.97
CA ASN B 46 19.31 18.76 -0.54
C ASN B 46 19.75 20.16 -0.10
N TYR B 47 19.27 20.58 1.07
CA TYR B 47 19.67 21.85 1.65
C TYR B 47 20.08 21.69 3.11
N VAL B 48 20.57 22.78 3.70
CA VAL B 48 20.92 22.78 5.11
C VAL B 48 20.42 24.08 5.76
N ALA B 49 19.86 23.95 6.96
CA ALA B 49 19.44 25.11 7.75
C ALA B 49 19.92 24.97 9.17
N ASP B 50 20.31 26.09 9.78
CA ASP B 50 20.68 26.12 11.18
C ASP B 50 19.53 26.69 11.97
N ILE B 51 19.15 25.99 13.04
CA ILE B 51 18.02 26.40 13.84
C ILE B 51 18.42 26.33 15.30
N GLU B 52 17.95 27.28 16.09
CA GLU B 52 18.15 27.25 17.52
C GLU B 52 16.80 27.18 18.19
N VAL B 53 16.56 26.13 18.95
CA VAL B 53 15.35 25.99 19.75
C VAL B 53 15.70 25.43 21.11
N ASP B 54 15.13 26.03 22.16
CA ASP B 54 15.30 25.57 23.52
C ASP B 54 16.76 25.38 23.92
N GLY B 55 17.60 26.35 23.56
CA GLY B 55 19.01 26.31 23.93
C GLY B 55 19.84 25.33 23.12
N LYS B 56 19.20 24.61 22.21
CA LYS B 56 19.92 23.64 21.39
C LYS B 56 20.11 24.17 19.97
N GLN B 57 21.32 24.02 19.46
CA GLN B 57 21.61 24.39 18.08
C GLN B 57 21.61 23.15 17.20
N VAL B 58 20.78 23.16 16.17
CA VAL B 58 20.64 22.01 15.29
C VAL B 58 21.01 22.36 13.86
N GLU B 59 21.84 21.52 13.25
CA GLU B 59 22.08 21.59 11.81
C GLU B 59 21.10 20.65 11.13
N LEU B 60 20.14 21.26 10.43
CA LEU B 60 19.00 20.55 9.87
C LEU B 60 19.22 20.27 8.39
N ALA B 61 19.43 19.01 8.05
CA ALA B 61 19.53 18.63 6.64
C ALA B 61 18.12 18.59 6.04
N LEU B 62 17.91 19.34 4.97
CA LEU B 62 16.63 19.45 4.29
C LEU B 62 16.59 18.62 3.02
N TRP B 63 15.85 17.54 3.04
CA TRP B 63 15.73 16.67 1.88
C TRP B 63 14.45 16.96 1.09
N ASP B 64 14.62 17.56 -0.09
CA ASP B 64 13.50 17.98 -0.94
C ASP B 64 13.17 16.85 -1.90
N THR B 65 11.87 16.65 -2.15
CA THR B 65 11.42 15.53 -2.97
C THR B 65 10.45 15.96 -4.07
N ALA B 66 10.21 15.05 -5.01
CA ALA B 66 9.28 15.29 -6.11
C ALA B 66 7.89 14.79 -5.71
N GLY B 67 6.89 15.63 -5.88
CA GLY B 67 5.53 15.26 -5.50
C GLY B 67 4.76 14.47 -6.54
N GLN B 68 5.27 14.41 -7.77
CA GLN B 68 4.57 13.67 -8.83
C GLN B 68 4.62 12.17 -8.60
N GLU B 69 3.57 11.46 -9.01
CA GLU B 69 3.54 10.00 -8.89
C GLU B 69 4.60 9.37 -9.79
N ASP B 70 5.05 10.13 -10.79
CA ASP B 70 6.17 9.71 -11.64
C ASP B 70 7.38 9.29 -10.83
N TYR B 71 7.54 9.91 -9.65
CA TYR B 71 8.74 9.73 -8.86
C TYR B 71 8.44 8.97 -7.58
N ASP B 72 7.32 8.26 -7.54
CA ASP B 72 7.00 7.40 -6.39
C ASP B 72 8.11 6.40 -6.06
N ARG B 73 8.74 5.80 -7.07
CA ARG B 73 9.77 4.82 -6.78
C ARG B 73 11.11 5.48 -6.39
N LEU B 74 11.22 6.80 -6.59
CA LEU B 74 12.43 7.54 -6.24
C LEU B 74 12.40 8.07 -4.81
N ARG B 75 11.20 8.40 -4.33
CA ARG B 75 11.09 9.03 -3.02
C ARG B 75 11.68 8.18 -1.88
N PRO B 76 11.56 6.84 -1.94
CA PRO B 76 12.16 6.08 -0.83
C PRO B 76 13.68 6.25 -0.71
N LEU B 77 14.34 6.84 -1.71
CA LEU B 77 15.76 7.15 -1.57
C LEU B 77 16.00 8.24 -0.51
N SER B 78 14.99 9.07 -0.25
CA SER B 78 15.16 10.17 0.71
C SER B 78 14.76 9.80 2.14
N TYR B 79 13.95 8.75 2.30
CA TYR B 79 13.39 8.40 3.60
C TYR B 79 14.31 7.79 4.69
N PRO B 80 15.38 7.06 4.30
CA PRO B 80 16.18 6.42 5.37
C PRO B 80 16.71 7.35 6.47
N ASP B 81 16.55 6.88 7.71
CA ASP B 81 17.10 7.54 8.90
C ASP B 81 16.61 8.98 9.06
N THR B 82 15.34 9.19 8.74
CA THR B 82 14.72 10.51 8.88
C THR B 82 14.31 10.81 10.33
N ASP B 83 14.55 12.05 10.77
CA ASP B 83 14.23 12.44 12.13
C ASP B 83 12.88 13.16 12.25
N VAL B 84 12.46 13.83 11.18
CA VAL B 84 11.17 14.50 11.15
C VAL B 84 10.68 14.71 9.71
N ILE B 85 9.37 14.59 9.53
CA ILE B 85 8.72 14.73 8.24
C ILE B 85 7.88 16.00 8.22
N LEU B 86 8.08 16.85 7.20
CA LEU B 86 7.13 17.89 6.84
C LEU B 86 6.20 17.35 5.76
N MET B 87 4.93 17.16 6.11
CA MET B 87 3.97 16.63 5.15
C MET B 87 3.06 17.78 4.73
N CYS B 88 3.18 18.21 3.48
CA CYS B 88 2.51 19.42 3.03
C CYS B 88 1.28 19.20 2.15
N PHE B 89 0.35 20.15 2.27
CA PHE B 89 -0.68 20.36 1.27
C PHE B 89 -0.79 21.89 1.08
N SER B 90 -1.50 22.31 0.05
CA SER B 90 -1.72 23.74 -0.15
C SER B 90 -3.15 24.14 0.18
N ILE B 91 -3.30 25.27 0.86
CA ILE B 91 -4.61 25.74 1.30
C ILE B 91 -5.52 26.15 0.11
N ASP B 92 -4.95 26.40 -1.06
CA ASP B 92 -5.79 26.64 -2.23
C ASP B 92 -6.07 25.36 -3.02
N SER B 93 -5.72 24.21 -2.44
CA SER B 93 -5.95 22.93 -3.12
C SER B 93 -6.57 21.91 -2.18
N PRO B 94 -7.90 21.83 -2.17
CA PRO B 94 -8.58 20.78 -1.40
C PRO B 94 -8.19 19.38 -1.90
N ASP B 95 -7.84 19.21 -3.19
CA ASP B 95 -7.31 17.93 -3.67
C ASP B 95 -6.06 17.53 -2.90
N SER B 96 -5.15 18.48 -2.70
CA SER B 96 -3.90 18.18 -1.99
C SER B 96 -4.16 17.78 -0.54
N LEU B 97 -5.22 18.31 0.07
CA LEU B 97 -5.56 17.89 1.43
C LEU B 97 -6.13 16.48 1.40
N GLU B 98 -6.95 16.17 0.39
CA GLU B 98 -7.54 14.84 0.34
C GLU B 98 -6.43 13.79 0.11
N ASN B 99 -5.35 14.20 -0.54
CA ASN B 99 -4.24 13.28 -0.80
C ASN B 99 -3.39 13.00 0.45
N ILE B 100 -3.57 13.79 1.52
CA ILE B 100 -2.86 13.55 2.78
C ILE B 100 -3.22 12.15 3.34
N PRO B 101 -4.52 11.86 3.58
CA PRO B 101 -4.76 10.50 4.10
C PRO B 101 -4.71 9.43 3.01
N GLU B 102 -4.97 9.82 1.77
CA GLU B 102 -5.09 8.84 0.70
C GLU B 102 -3.73 8.34 0.20
N LYS B 103 -2.75 9.24 0.14
CA LYS B 103 -1.46 8.92 -0.45
C LYS B 103 -0.27 9.15 0.50
N TRP B 104 -0.15 10.36 1.05
CA TRP B 104 1.08 10.73 1.75
C TRP B 104 1.25 10.01 3.08
N THR B 105 0.18 9.92 3.85
CA THR B 105 0.29 9.33 5.17
C THR B 105 0.59 7.82 5.08
N PRO B 106 -0.12 7.07 4.20
CA PRO B 106 0.26 5.65 4.06
C PRO B 106 1.73 5.47 3.64
N GLU B 107 2.20 6.31 2.73
CA GLU B 107 3.58 6.19 2.24
C GLU B 107 4.59 6.48 3.33
N VAL B 108 4.40 7.61 4.02
CA VAL B 108 5.34 8.01 5.05
C VAL B 108 5.36 7.01 6.20
N LYS B 109 4.20 6.50 6.58
CA LYS B 109 4.16 5.59 7.71
C LYS B 109 4.70 4.20 7.33
N HIS B 110 4.66 3.89 6.04
CA HIS B 110 5.24 2.65 5.53
C HIS B 110 6.77 2.70 5.65
N PHE B 111 7.35 3.81 5.22
CA PHE B 111 8.80 3.93 5.15
C PHE B 111 9.43 4.57 6.37
N CYS B 112 8.66 5.35 7.12
CA CYS B 112 9.19 6.05 8.28
C CYS B 112 8.39 5.81 9.54
N PRO B 113 8.27 4.55 9.97
CA PRO B 113 7.57 4.32 11.23
C PRO B 113 8.24 5.05 12.41
N ASN B 114 7.42 5.57 13.31
CA ASN B 114 7.86 6.28 14.50
C ASN B 114 8.65 7.54 14.19
N VAL B 115 8.44 8.13 13.01
CA VAL B 115 9.02 9.44 12.73
C VAL B 115 7.93 10.49 12.88
N PRO B 116 8.16 11.53 13.69
CA PRO B 116 7.13 12.55 13.87
C PRO B 116 6.78 13.27 12.58
N ILE B 117 5.49 13.51 12.35
CA ILE B 117 5.02 14.19 11.16
C ILE B 117 4.44 15.55 11.51
N ILE B 118 4.97 16.61 10.87
CA ILE B 118 4.34 17.92 10.94
C ILE B 118 3.44 18.07 9.72
N LEU B 119 2.14 18.25 9.94
CA LEU B 119 1.24 18.52 8.82
C LEU B 119 1.22 20.00 8.53
N VAL B 120 1.60 20.38 7.31
CA VAL B 120 1.78 21.80 6.98
C VAL B 120 0.84 22.25 5.87
N GLY B 121 0.04 23.27 6.17
CA GLY B 121 -0.81 23.88 5.15
C GLY B 121 -0.09 25.06 4.55
N ASN B 122 0.34 24.92 3.28
CA ASN B 122 1.08 25.96 2.57
C ASN B 122 0.16 26.97 1.92
N LYS B 123 0.76 28.09 1.48
CA LYS B 123 0.07 29.11 0.71
C LYS B 123 -1.12 29.72 1.46
N LYS B 124 -0.92 29.99 2.75
CA LYS B 124 -1.98 30.53 3.59
C LYS B 124 -2.49 31.88 3.06
N ASP B 125 -1.63 32.59 2.33
CA ASP B 125 -1.97 33.88 1.75
C ASP B 125 -3.11 33.82 0.72
N LEU B 126 -3.37 32.63 0.19
CA LEU B 126 -4.39 32.46 -0.83
C LEU B 126 -5.79 32.18 -0.27
N ARG B 127 -5.87 31.93 1.04
CA ARG B 127 -7.17 31.62 1.63
C ARG B 127 -8.15 32.76 1.41
N ASN B 128 -7.67 33.99 1.65
CA ASN B 128 -8.52 35.17 1.54
C ASN B 128 -8.33 35.90 0.19
N ASP B 129 -7.63 35.26 -0.73
CA ASP B 129 -7.34 35.86 -2.04
C ASP B 129 -8.56 35.79 -2.96
N GLU B 130 -9.08 36.95 -3.37
CA GLU B 130 -10.29 36.99 -4.19
C GLU B 130 -10.16 36.19 -5.49
N HIS B 131 -9.00 36.22 -6.13
CA HIS B 131 -8.79 35.49 -7.39
C HIS B 131 -8.89 34.00 -7.15
N THR B 132 -8.19 33.53 -6.13
CA THR B 132 -8.21 32.13 -5.76
C THR B 132 -9.64 31.67 -5.46
N ARG B 133 -10.36 32.47 -4.69
CA ARG B 133 -11.73 32.10 -4.32
C ARG B 133 -12.65 32.10 -5.54
N ARG B 134 -12.44 33.05 -6.45
CA ARG B 134 -13.23 33.10 -7.67
C ARG B 134 -12.94 31.88 -8.56
N GLU B 135 -11.67 31.50 -8.65
CA GLU B 135 -11.29 30.40 -9.55
C GLU B 135 -11.68 29.04 -8.98
N LEU B 136 -11.52 28.85 -7.67
CA LEU B 136 -11.97 27.63 -7.03
C LEU B 136 -13.49 27.50 -7.11
N ALA B 137 -14.19 28.63 -7.05
CA ALA B 137 -15.65 28.63 -7.11
C ALA B 137 -16.18 28.06 -8.41
N LYS B 138 -15.46 28.31 -9.51
CA LYS B 138 -15.86 27.81 -10.83
C LYS B 138 -15.89 26.28 -10.85
N MET B 139 -15.13 25.68 -9.94
CA MET B 139 -15.02 24.24 -9.82
C MET B 139 -15.78 23.73 -8.61
N LYS B 140 -16.67 24.57 -8.07
CA LYS B 140 -17.43 24.25 -6.86
C LYS B 140 -16.52 23.90 -5.69
N GLN B 141 -15.33 24.50 -5.66
CA GLN B 141 -14.38 24.31 -4.56
C GLN B 141 -14.19 25.61 -3.79
N GLU B 142 -13.48 25.52 -2.66
CA GLU B 142 -13.11 26.69 -1.87
C GLU B 142 -11.83 26.33 -1.11
N PRO B 143 -11.08 27.34 -0.64
CA PRO B 143 -9.84 27.06 0.09
C PRO B 143 -10.05 26.22 1.34
N VAL B 144 -9.03 25.45 1.72
CA VAL B 144 -9.08 24.65 2.94
C VAL B 144 -9.22 25.55 4.17
N LYS B 145 -10.15 25.20 5.06
CA LYS B 145 -10.36 25.96 6.29
C LYS B 145 -9.36 25.50 7.36
N PRO B 146 -8.98 26.41 8.27
CA PRO B 146 -8.03 26.01 9.33
C PRO B 146 -8.49 24.79 10.13
N GLU B 147 -9.78 24.72 10.44
CA GLU B 147 -10.32 23.59 11.20
C GLU B 147 -10.15 22.29 10.43
N GLU B 148 -10.31 22.34 9.11
CA GLU B 148 -10.18 21.15 8.28
C GLU B 148 -8.74 20.65 8.32
N GLY B 149 -7.79 21.56 8.26
CA GLY B 149 -6.39 21.21 8.36
C GLY B 149 -6.09 20.60 9.72
N ARG B 150 -6.49 21.28 10.78
CA ARG B 150 -6.26 20.77 12.14
C ARG B 150 -6.91 19.38 12.34
N ASP B 151 -8.16 19.21 11.91
CA ASP B 151 -8.82 17.92 12.00
C ASP B 151 -8.03 16.82 11.29
N MET B 152 -7.44 17.14 10.15
CA MET B 152 -6.68 16.12 9.42
C MET B 152 -5.42 15.75 10.20
N ALA B 153 -4.75 16.76 10.76
CA ALA B 153 -3.58 16.53 11.59
C ALA B 153 -3.95 15.60 12.74
N ASN B 154 -5.07 15.90 13.38
CA ASN B 154 -5.55 15.02 14.45
C ASN B 154 -5.79 13.60 13.92
N ARG B 155 -6.46 13.49 12.78
CA ARG B 155 -6.80 12.20 12.20
C ARG B 155 -5.60 11.31 11.93
N ILE B 156 -4.52 11.87 11.39
CA ILE B 156 -3.36 11.06 11.01
C ILE B 156 -2.33 10.93 12.14
N GLY B 157 -2.64 11.49 13.30
CA GLY B 157 -1.74 11.43 14.43
C GLY B 157 -0.46 12.22 14.23
N ALA B 158 -0.58 13.37 13.56
CA ALA B 158 0.55 14.29 13.39
C ALA B 158 1.09 14.80 14.73
N PHE B 159 2.39 15.08 14.75
CA PHE B 159 3.04 15.72 15.90
C PHE B 159 2.42 17.09 16.14
N GLY B 160 2.06 17.78 15.06
CA GLY B 160 1.43 19.09 15.12
C GLY B 160 0.90 19.55 13.77
N TYR B 161 0.16 20.66 13.78
CA TYR B 161 -0.36 21.29 12.56
C TYR B 161 0.12 22.71 12.48
N MET B 162 0.59 23.11 11.31
CA MET B 162 1.07 24.47 11.10
C MET B 162 0.61 24.98 9.76
N GLU B 163 0.20 26.25 9.71
CA GLU B 163 -0.09 26.89 8.43
C GLU B 163 0.94 27.98 8.18
N CYS B 164 1.32 28.13 6.92
CA CYS B 164 2.32 29.13 6.59
C CYS B 164 2.12 29.66 5.20
N SER B 165 2.73 30.81 4.93
CA SER B 165 2.83 31.34 3.58
C SER B 165 4.29 31.64 3.29
N ALA B 166 4.88 30.91 2.36
CA ALA B 166 6.25 31.22 1.94
C ALA B 166 6.29 32.60 1.29
N LYS B 167 5.17 33.01 0.70
CA LYS B 167 5.10 34.30 0.02
C LYS B 167 5.15 35.49 0.98
N THR B 168 4.39 35.43 2.08
CA THR B 168 4.33 36.52 3.06
C THR B 168 5.26 36.27 4.25
N LYS B 169 5.74 35.03 4.35
CA LYS B 169 6.64 34.54 5.41
C LYS B 169 5.88 34.19 6.68
N ASP B 170 4.57 34.44 6.68
CA ASP B 170 3.74 34.16 7.86
C ASP B 170 3.85 32.69 8.26
N GLY B 171 4.23 32.43 9.51
CA GLY B 171 4.25 31.06 10.03
C GLY B 171 5.41 30.17 9.65
N VAL B 172 6.31 30.67 8.78
CA VAL B 172 7.40 29.83 8.29
C VAL B 172 8.40 29.49 9.39
N ARG B 173 8.83 30.48 10.15
CA ARG B 173 9.77 30.22 11.24
C ARG B 173 9.20 29.18 12.19
N GLU B 174 7.93 29.33 12.51
CA GLU B 174 7.25 28.44 13.43
C GLU B 174 7.23 26.98 12.93
N VAL B 175 7.16 26.79 11.62
CA VAL B 175 7.14 25.44 11.07
C VAL B 175 8.45 24.70 11.37
N PHE B 176 9.57 25.37 11.13
CA PHE B 176 10.86 24.72 11.28
C PHE B 176 11.28 24.60 12.74
N GLU B 177 10.79 25.49 13.60
CA GLU B 177 11.04 25.34 15.02
C GLU B 177 10.30 24.10 15.52
N MET B 178 9.06 23.92 15.07
CA MET B 178 8.28 22.76 15.50
C MET B 178 8.90 21.47 14.97
N ALA B 179 9.31 21.51 13.71
CA ALA B 179 9.98 20.36 13.10
C ALA B 179 11.25 20.00 13.88
N THR B 180 12.01 21.01 14.28
CA THR B 180 13.25 20.78 15.03
C THR B 180 12.96 20.19 16.41
N ARG B 181 11.97 20.75 17.11
CA ARG B 181 11.61 20.23 18.42
C ARG B 181 11.15 18.78 18.34
N ALA B 182 10.40 18.46 17.29
CA ALA B 182 9.98 17.09 17.01
C ALA B 182 11.18 16.18 16.81
N ALA B 183 12.16 16.64 16.05
CA ALA B 183 13.36 15.85 15.78
C ALA B 183 14.18 15.63 17.04
N LEU B 184 14.24 16.65 17.89
CA LEU B 184 15.08 16.61 19.10
C LEU B 184 14.46 15.75 20.19
N GLN B 185 13.14 15.58 20.13
CA GLN B 185 12.38 14.86 21.15
C GLN B 185 12.22 13.38 20.80
N GLU C 5 -15.84 7.41 4.50
CA GLU C 5 -15.36 8.18 5.63
C GLU C 5 -15.81 7.57 6.95
N SER C 6 -14.95 7.63 7.96
CA SER C 6 -15.29 7.14 9.29
C SER C 6 -14.80 8.11 10.36
N ASN C 7 -15.65 8.40 11.33
CA ASN C 7 -15.19 9.09 12.53
C ASN C 7 -14.84 8.13 13.67
N TYR C 8 -14.95 6.82 13.41
CA TYR C 8 -14.72 5.84 14.45
C TYR C 8 -13.48 4.99 14.18
N PHE C 9 -13.34 4.52 12.94
CA PHE C 9 -12.19 3.70 12.55
C PHE C 9 -11.14 4.59 11.89
N GLY C 10 -9.87 4.29 12.13
CA GLY C 10 -8.79 5.02 11.50
C GLY C 10 -8.56 6.39 12.09
N VAL C 11 -9.01 6.58 13.33
CA VAL C 11 -8.78 7.83 14.08
C VAL C 11 -8.08 7.47 15.39
N PRO C 12 -7.44 8.45 16.04
CA PRO C 12 -6.68 8.13 17.26
C PRO C 12 -7.50 7.40 18.32
N LEU C 13 -6.86 6.49 19.04
CA LEU C 13 -7.49 5.75 20.14
C LEU C 13 -8.19 6.71 21.10
N THR C 14 -7.56 7.84 21.38
CA THR C 14 -8.08 8.78 22.38
C THR C 14 -9.43 9.36 21.94
N THR C 15 -9.70 9.30 20.66
CA THR C 15 -10.96 9.80 20.12
C THR C 15 -12.17 8.94 20.50
N VAL C 16 -11.93 7.65 20.74
CA VAL C 16 -13.04 6.73 20.96
C VAL C 16 -13.02 6.07 22.34
N VAL C 17 -12.27 6.67 23.27
CA VAL C 17 -12.27 6.19 24.65
C VAL C 17 -12.35 7.40 25.56
N THR C 18 -12.70 7.16 26.81
CA THR C 18 -12.71 8.18 27.84
C THR C 18 -12.18 7.56 29.11
N PRO C 19 -11.81 8.37 30.11
CA PRO C 19 -11.47 7.77 31.40
C PRO C 19 -12.63 6.97 32.02
N GLU C 20 -13.88 7.38 31.79
CA GLU C 20 -15.02 6.61 32.31
C GLU C 20 -15.24 5.30 31.55
N LYS C 21 -15.04 5.35 30.24
CA LYS C 21 -15.23 4.17 29.39
C LYS C 21 -13.96 3.96 28.57
N PRO C 22 -12.95 3.33 29.19
CA PRO C 22 -11.61 3.24 28.58
C PRO C 22 -11.51 2.23 27.45
N ILE C 23 -12.51 1.38 27.29
CA ILE C 23 -12.48 0.39 26.22
C ILE C 23 -13.37 0.85 25.10
N PRO C 24 -12.82 0.93 23.87
CA PRO C 24 -13.67 1.33 22.75
C PRO C 24 -14.88 0.40 22.66
N ILE C 25 -16.05 0.97 22.43
CA ILE C 25 -17.29 0.19 22.40
C ILE C 25 -17.21 -0.94 21.39
N PHE C 26 -16.61 -0.66 20.24
CA PHE C 26 -16.47 -1.71 19.23
C PHE C 26 -15.66 -2.91 19.75
N ILE C 27 -14.57 -2.63 20.46
CA ILE C 27 -13.72 -3.68 21.01
C ILE C 27 -14.45 -4.45 22.11
N GLU C 28 -15.15 -3.74 22.98
CA GLU C 28 -15.96 -4.41 23.99
C GLU C 28 -16.99 -5.33 23.31
N ARG C 29 -17.63 -4.83 22.26
CA ARG C 29 -18.68 -5.59 21.59
C ARG C 29 -18.10 -6.86 20.98
N CYS C 30 -16.95 -6.73 20.33
CA CYS C 30 -16.32 -7.85 19.63
C CYS C 30 -15.85 -8.92 20.60
N ILE C 31 -15.15 -8.47 21.65
CA ILE C 31 -14.54 -9.40 22.59
C ILE C 31 -15.60 -10.08 23.45
N GLU C 32 -16.64 -9.35 23.86
CA GLU C 32 -17.72 -10.00 24.61
C GLU C 32 -18.40 -11.06 23.74
N TYR C 33 -18.54 -10.79 22.44
CA TYR C 33 -19.19 -11.75 21.55
C TYR C 33 -18.34 -13.00 21.36
N ILE C 34 -17.03 -12.81 21.17
CA ILE C 34 -16.12 -13.92 20.98
C ILE C 34 -16.04 -14.75 22.28
N GLU C 35 -16.03 -14.10 23.44
CA GLU C 35 -16.03 -14.84 24.70
C GLU C 35 -17.32 -15.64 24.91
N ALA C 36 -18.43 -15.11 24.44
CA ALA C 36 -19.71 -15.79 24.60
C ALA C 36 -19.88 -16.96 23.64
N THR C 37 -19.23 -16.90 22.48
CA THR C 37 -19.57 -17.85 21.40
C THR C 37 -18.39 -18.49 20.67
N GLY C 38 -17.16 -18.06 20.95
CA GLY C 38 -16.04 -18.45 20.12
C GLY C 38 -14.87 -19.10 20.84
N LEU C 39 -14.99 -19.33 22.15
CA LEU C 39 -13.86 -19.82 22.93
C LEU C 39 -13.49 -21.27 22.60
N SER C 40 -14.42 -21.99 21.99
CA SER C 40 -14.17 -23.38 21.62
C SER C 40 -13.90 -23.52 20.13
N THR C 41 -13.76 -22.37 19.44
CA THR C 41 -13.47 -22.40 18.01
C THR C 41 -12.01 -22.74 17.77
N GLU C 42 -11.77 -23.85 17.09
CA GLU C 42 -10.39 -24.25 16.79
C GLU C 42 -9.69 -23.16 15.97
N GLY C 43 -8.57 -22.69 16.49
CA GLY C 43 -7.80 -21.65 15.82
C GLY C 43 -8.39 -20.27 15.81
N ILE C 44 -9.21 -19.92 16.80
CA ILE C 44 -9.69 -18.54 16.93
C ILE C 44 -8.47 -17.60 16.91
N TYR C 45 -8.55 -16.57 16.07
CA TYR C 45 -7.47 -15.57 15.79
C TYR C 45 -6.38 -16.09 14.83
N ARG C 46 -6.31 -17.42 14.63
CA ARG C 46 -5.42 -17.98 13.61
C ARG C 46 -6.12 -18.08 12.26
N VAL C 47 -7.31 -18.68 12.27
CA VAL C 47 -8.11 -18.82 11.07
C VAL C 47 -8.50 -17.46 10.52
N SER C 48 -8.25 -17.21 9.24
CA SER C 48 -8.59 -15.92 8.64
C SER C 48 -10.09 -15.66 8.57
N GLY C 49 -10.50 -14.44 8.92
CA GLY C 49 -11.90 -14.07 8.74
C GLY C 49 -12.20 -13.74 7.30
N ASN C 50 -13.48 -13.68 6.98
CA ASN C 50 -13.96 -13.28 5.67
C ASN C 50 -13.75 -11.79 5.48
N LYS C 51 -12.79 -11.40 4.65
CA LYS C 51 -12.39 -10.00 4.57
C LYS C 51 -13.56 -9.08 4.17
N SER C 52 -14.35 -9.53 3.20
CA SER C 52 -15.47 -8.75 2.73
C SER C 52 -16.50 -8.56 3.83
N GLU C 53 -16.76 -9.62 4.59
CA GLU C 53 -17.74 -9.55 5.67
C GLU C 53 -17.19 -8.73 6.85
N MET C 54 -15.88 -8.77 7.06
CA MET C 54 -15.25 -7.95 8.09
C MET C 54 -15.47 -6.47 7.79
N GLU C 55 -15.32 -6.08 6.52
CA GLU C 55 -15.50 -4.67 6.15
C GLU C 55 -16.97 -4.30 6.30
N SER C 56 -17.86 -5.24 5.97
CA SER C 56 -19.28 -5.02 6.11
C SER C 56 -19.65 -4.77 7.58
N LEU C 57 -19.09 -5.58 8.48
CA LEU C 57 -19.29 -5.41 9.92
C LEU C 57 -18.85 -4.03 10.37
N GLN C 58 -17.65 -3.62 9.94
CA GLN C 58 -17.16 -2.28 10.27
C GLN C 58 -18.13 -1.20 9.78
N ARG C 59 -18.59 -1.31 8.54
CA ARG C 59 -19.49 -0.31 7.97
C ARG C 59 -20.81 -0.24 8.73
N GLN C 60 -21.32 -1.40 9.12
CA GLN C 60 -22.60 -1.44 9.82
C GLN C 60 -22.46 -0.86 11.22
N PHE C 61 -21.33 -1.09 11.86
CA PHE C 61 -21.11 -0.52 13.19
C PHE C 61 -20.96 0.99 13.07
N ASP C 62 -20.28 1.44 12.02
CA ASP C 62 -20.09 2.86 11.81
C ASP C 62 -21.42 3.56 11.68
N GLN C 63 -22.37 2.89 11.01
CA GLN C 63 -23.70 3.44 10.80
C GLN C 63 -24.54 3.38 12.08
N ASP C 64 -24.31 2.38 12.92
CA ASP C 64 -25.07 2.19 14.15
C ASP C 64 -24.19 1.60 15.25
N HIS C 65 -23.78 2.44 16.21
CA HIS C 65 -22.86 1.98 17.25
C HIS C 65 -23.53 1.02 18.24
N ASN C 66 -24.85 0.93 18.18
CA ASN C 66 -25.60 -0.02 18.99
C ASN C 66 -25.78 -1.38 18.33
N LEU C 67 -25.01 -1.65 17.29
CA LEU C 67 -25.10 -2.90 16.55
C LEU C 67 -25.02 -4.13 17.46
N ASP C 68 -25.97 -5.04 17.29
CA ASP C 68 -26.05 -6.26 18.08
C ASP C 68 -25.47 -7.45 17.33
N LEU C 69 -24.28 -7.91 17.74
CA LEU C 69 -23.64 -9.03 17.06
C LEU C 69 -24.41 -10.34 17.23
N ALA C 70 -25.10 -10.47 18.36
CA ALA C 70 -25.91 -11.66 18.61
C ALA C 70 -27.01 -11.81 17.57
N GLU C 71 -27.68 -10.71 17.25
CA GLU C 71 -28.80 -10.73 16.30
C GLU C 71 -28.30 -10.89 14.88
N LYS C 72 -27.07 -10.46 14.63
CA LYS C 72 -26.48 -10.49 13.29
C LYS C 72 -25.96 -11.87 12.94
N ASP C 73 -25.54 -12.04 11.69
CA ASP C 73 -25.11 -13.34 11.19
C ASP C 73 -23.62 -13.40 10.91
N PHE C 74 -22.85 -12.50 11.53
CA PHE C 74 -21.38 -12.54 11.39
C PHE C 74 -20.82 -13.74 12.15
N THR C 75 -19.92 -14.47 11.52
CA THR C 75 -19.27 -15.61 12.18
C THR C 75 -18.16 -15.16 13.12
N VAL C 76 -17.69 -16.06 13.98
CA VAL C 76 -16.70 -15.69 14.98
CA VAL C 76 -16.69 -15.67 14.98
C VAL C 76 -15.42 -15.14 14.35
N ASN C 77 -14.97 -15.75 13.25
CA ASN C 77 -13.72 -15.29 12.67
C ASN C 77 -13.86 -13.94 12.00
N THR C 78 -15.07 -13.59 11.56
CA THR C 78 -15.34 -12.26 11.01
C THR C 78 -15.26 -11.24 12.12
N VAL C 79 -15.86 -11.56 13.26
CA VAL C 79 -15.83 -10.64 14.39
C VAL C 79 -14.39 -10.48 14.88
N ALA C 80 -13.65 -11.58 14.99
CA ALA C 80 -12.23 -11.50 15.34
C ALA C 80 -11.40 -10.66 14.36
N GLY C 81 -11.61 -10.88 13.06
CA GLY C 81 -10.92 -10.12 12.04
C GLY C 81 -11.26 -8.64 12.07
N ALA C 82 -12.52 -8.33 12.34
CA ALA C 82 -12.92 -6.90 12.36
C ALA C 82 -12.28 -6.22 13.56
N MET C 83 -12.16 -6.95 14.67
CA MET C 83 -11.46 -6.39 15.82
C MET C 83 -10.00 -6.09 15.49
N LYS C 84 -9.33 -7.03 14.85
CA LYS C 84 -7.96 -6.79 14.40
C LYS C 84 -7.86 -5.54 13.54
N SER C 85 -8.80 -5.36 12.63
CA SER C 85 -8.81 -4.21 11.74
C SER C 85 -8.88 -2.92 12.53
N PHE C 86 -9.67 -2.89 13.59
CA PHE C 86 -9.73 -1.68 14.42
C PHE C 86 -8.31 -1.31 14.85
N PHE C 87 -7.58 -2.29 15.36
CA PHE C 87 -6.23 -2.03 15.85
C PHE C 87 -5.22 -1.75 14.73
N SER C 88 -5.33 -2.42 13.58
CA SER C 88 -4.40 -2.12 12.48
C SER C 88 -4.66 -0.76 11.81
N GLU C 89 -5.88 -0.24 11.96
CA GLU C 89 -6.22 1.07 11.38
C GLU C 89 -5.97 2.27 12.31
N LEU C 90 -5.64 2.04 13.59
CA LEU C 90 -5.25 3.15 14.46
C LEU C 90 -4.09 3.89 13.83
N PRO C 91 -4.05 5.24 13.93
CA PRO C 91 -2.93 5.99 13.36
C PRO C 91 -1.58 5.54 13.91
N ASP C 92 -1.56 5.07 15.17
CA ASP C 92 -0.36 4.61 15.82
C ASP C 92 -0.69 3.27 16.47
N PRO C 93 0.31 2.38 16.60
CA PRO C 93 0.03 1.07 17.19
C PRO C 93 -0.41 1.15 18.65
N LEU C 94 -1.18 0.16 19.07
CA LEU C 94 -1.67 0.12 20.45
C LEU C 94 -0.51 0.13 21.46
N VAL C 95 0.51 -0.68 21.19
CA VAL C 95 1.77 -0.61 21.94
C VAL C 95 2.64 0.41 21.22
N PRO C 96 2.85 1.58 21.83
CA PRO C 96 3.62 2.64 21.17
C PRO C 96 5.02 2.18 20.75
N TYR C 97 5.51 2.66 19.61
CA TYR C 97 6.86 2.30 19.17
C TYR C 97 7.90 2.56 20.23
N SER C 98 7.74 3.65 20.99
CA SER C 98 8.69 3.98 22.05
C SER C 98 8.72 2.92 23.14
N MET C 99 7.55 2.40 23.47
CA MET C 99 7.43 1.37 24.49
C MET C 99 8.02 0.04 24.01
N GLN C 100 7.88 -0.22 22.70
CA GLN C 100 8.42 -1.44 22.11
C GLN C 100 9.93 -1.51 22.29
N ILE C 101 10.59 -0.38 22.03
CA ILE C 101 12.04 -0.31 22.21
C ILE C 101 12.41 -0.65 23.66
N ASP C 102 11.68 -0.06 24.61
CA ASP C 102 11.95 -0.31 26.02
C ASP C 102 11.64 -1.76 26.41
N LEU C 103 10.59 -2.33 25.82
CA LEU C 103 10.23 -3.72 26.12
C LEU C 103 11.30 -4.67 25.60
N VAL C 104 11.82 -4.39 24.41
CA VAL C 104 12.93 -5.20 23.87
C VAL C 104 14.15 -5.16 24.77
N GLU C 105 14.47 -3.98 25.32
CA GLU C 105 15.60 -3.85 26.25
C GLU C 105 15.40 -4.68 27.51
N ALA C 106 14.21 -4.57 28.09
CA ALA C 106 13.88 -5.33 29.30
C ALA C 106 13.96 -6.83 29.07
N HIS C 107 13.55 -7.26 27.88
CA HIS C 107 13.49 -8.68 27.54
C HIS C 107 14.88 -9.30 27.39
N LYS C 108 15.91 -8.48 27.28
CA LYS C 108 17.27 -9.01 27.13
C LYS C 108 17.87 -9.46 28.46
N ILE C 109 17.17 -9.19 29.54
CA ILE C 109 17.56 -9.71 30.85
C ILE C 109 17.29 -11.21 30.87
N ASN C 110 18.32 -11.98 31.21
CA ASN C 110 18.26 -13.44 31.12
C ASN C 110 17.42 -14.05 32.24
N ASP C 111 17.69 -13.63 33.47
CA ASP C 111 16.94 -14.08 34.64
C ASP C 111 15.44 -13.82 34.47
N ARG C 112 14.64 -14.88 34.43
CA ARG C 112 13.22 -14.73 34.11
C ARG C 112 12.53 -13.81 35.13
N GLU C 113 12.89 -13.87 36.42
CA GLU C 113 12.23 -12.99 37.40
C GLU C 113 12.60 -11.52 37.20
N GLN C 114 13.88 -11.24 37.06
CA GLN C 114 14.33 -9.88 36.84
C GLN C 114 13.75 -9.33 35.53
N LYS C 115 13.69 -10.19 34.52
CA LYS C 115 13.13 -9.84 33.22
C LYS C 115 11.66 -9.45 33.37
N LEU C 116 10.90 -10.24 34.12
CA LEU C 116 9.48 -9.97 34.28
C LEU C 116 9.23 -8.67 35.03
N HIS C 117 10.02 -8.40 36.07
CA HIS C 117 9.86 -7.14 36.79
C HIS C 117 10.17 -5.95 35.88
N ALA C 118 11.23 -6.09 35.08
CA ALA C 118 11.62 -5.01 34.17
C ALA C 118 10.52 -4.72 33.13
N LEU C 119 9.92 -5.78 32.59
CA LEU C 119 8.85 -5.65 31.62
C LEU C 119 7.63 -4.97 32.25
N LYS C 120 7.34 -5.33 33.49
CA LYS C 120 6.22 -4.71 34.21
C LYS C 120 6.49 -3.22 34.46
N GLU C 121 7.74 -2.87 34.74
CA GLU C 121 8.07 -1.44 34.89
C GLU C 121 7.86 -0.66 33.61
N VAL C 122 8.15 -1.29 32.47
CA VAL C 122 7.90 -0.62 31.18
C VAL C 122 6.39 -0.47 30.98
N LEU C 123 5.65 -1.49 31.37
CA LEU C 123 4.20 -1.48 31.24
C LEU C 123 3.60 -0.30 32.02
N LYS C 124 4.14 -0.01 33.19
CA LYS C 124 3.67 1.13 33.96
C LYS C 124 3.93 2.48 33.29
N LYS C 125 4.79 2.50 32.25
CA LYS C 125 5.11 3.74 31.53
C LYS C 125 4.24 3.98 30.30
N PHE C 126 3.43 2.99 29.92
CA PHE C 126 2.47 3.15 28.83
C PHE C 126 1.61 4.38 29.06
N PRO C 127 1.21 5.06 27.97
CA PRO C 127 0.13 6.05 28.12
C PRO C 127 -1.09 5.36 28.73
N LYS C 128 -1.81 6.05 29.62
CA LYS C 128 -2.88 5.38 30.37
C LYS C 128 -3.99 4.81 29.46
N GLU C 129 -4.33 5.55 28.41
CA GLU C 129 -5.36 5.10 27.48
C GLU C 129 -4.97 3.77 26.85
N ASN C 130 -3.72 3.72 26.38
CA ASN C 130 -3.19 2.52 25.75
C ASN C 130 -3.08 1.37 26.73
N HIS C 131 -2.64 1.67 27.94
CA HIS C 131 -2.49 0.63 28.96
C HIS C 131 -3.83 -0.07 29.23
N GLU C 132 -4.89 0.70 29.39
CA GLU C 132 -6.19 0.12 29.70
C GLU C 132 -6.70 -0.81 28.59
N VAL C 133 -6.49 -0.40 27.35
CA VAL C 133 -6.95 -1.20 26.23
C VAL C 133 -6.06 -2.43 26.04
N PHE C 134 -4.76 -2.25 26.23
CA PHE C 134 -3.80 -3.36 26.16
C PHE C 134 -4.15 -4.41 27.21
N LYS C 135 -4.42 -3.95 28.42
CA LYS C 135 -4.79 -4.84 29.53
C LYS C 135 -6.03 -5.65 29.16
N TYR C 136 -7.03 -4.95 28.61
CA TYR C 136 -8.29 -5.59 28.22
C TYR C 136 -8.07 -6.67 27.15
N VAL C 137 -7.28 -6.36 26.13
CA VAL C 137 -7.01 -7.32 25.05
C VAL C 137 -6.18 -8.49 25.54
N ILE C 138 -5.11 -8.19 26.26
CA ILE C 138 -4.23 -9.26 26.76
C ILE C 138 -5.00 -10.16 27.71
N SER C 139 -5.86 -9.58 28.56
CA SER C 139 -6.63 -10.40 29.51
C SER C 139 -7.61 -11.33 28.77
N HIS C 140 -8.25 -10.82 27.73
CA HIS C 140 -9.07 -11.67 26.85
C HIS C 140 -8.27 -12.82 26.23
N LEU C 141 -7.10 -12.51 25.68
CA LEU C 141 -6.28 -13.54 25.05
C LEU C 141 -5.86 -14.57 26.09
N ASN C 142 -5.59 -14.11 27.30
CA ASN C 142 -5.28 -15.05 28.38
C ASN C 142 -6.45 -16.00 28.61
N ARG C 143 -7.66 -15.46 28.62
CA ARG C 143 -8.86 -16.30 28.80
C ARG C 143 -9.05 -17.26 27.62
N VAL C 144 -8.76 -16.80 26.40
CA VAL C 144 -8.78 -17.71 25.25
C VAL C 144 -7.81 -18.88 25.46
N SER C 145 -6.61 -18.56 25.95
CA SER C 145 -5.57 -19.56 26.14
C SER C 145 -5.95 -20.62 27.17
N HIS C 146 -6.85 -20.28 28.09
CA HIS C 146 -7.27 -21.25 29.10
C HIS C 146 -8.02 -22.46 28.52
N ASN C 147 -8.63 -22.28 27.35
CA ASN C 147 -9.35 -23.36 26.70
C ASN C 147 -8.56 -23.97 25.53
N ASN C 148 -7.22 -23.86 25.59
CA ASN C 148 -6.41 -24.32 24.46
C ASN C 148 -6.51 -25.83 24.18
N LYS C 149 -6.90 -26.63 25.16
CA LYS C 149 -7.08 -28.06 24.87
C LYS C 149 -8.18 -28.28 23.83
N VAL C 150 -9.10 -27.33 23.74
CA VAL C 150 -10.17 -27.37 22.75
C VAL C 150 -9.88 -26.48 21.53
N ASN C 151 -9.53 -25.21 21.77
CA ASN C 151 -9.32 -24.27 20.64
C ASN C 151 -7.89 -24.27 20.07
N LEU C 152 -7.01 -25.01 20.73
CA LEU C 152 -5.63 -25.23 20.26
C LEU C 152 -4.79 -23.96 20.28
N MET C 153 -5.33 -22.88 20.84
CA MET C 153 -4.60 -21.61 20.85
C MET C 153 -3.92 -21.35 22.20
N THR C 154 -2.71 -21.89 22.32
CA THR C 154 -1.80 -21.57 23.41
C THR C 154 -1.41 -20.09 23.41
N SER C 155 -0.80 -19.65 24.50
CA SER C 155 -0.28 -18.28 24.55
C SER C 155 0.70 -18.01 23.41
N GLU C 156 1.51 -19.01 23.09
CA GLU C 156 2.43 -18.89 21.97
C GLU C 156 1.70 -18.67 20.64
N ASN C 157 0.71 -19.52 20.36
CA ASN C 157 -0.04 -19.36 19.12
C ASN C 157 -0.77 -18.02 19.05
N LEU C 158 -1.34 -17.60 20.17
CA LEU C 158 -2.04 -16.32 20.21
C LEU C 158 -1.09 -15.16 19.97
N SER C 159 0.11 -15.22 20.54
CA SER C 159 1.07 -14.17 20.26
C SER C 159 1.43 -14.15 18.77
N ILE C 160 1.73 -15.31 18.21
CA ILE C 160 2.05 -15.39 16.78
C ILE C 160 0.93 -14.77 15.94
N CYS C 161 -0.31 -14.96 16.38
CA CYS C 161 -1.47 -14.50 15.62
C CYS C 161 -2.07 -13.20 16.14
N PHE C 162 -1.32 -12.40 16.91
CA PHE C 162 -1.85 -11.13 17.36
C PHE C 162 -0.77 -10.07 17.60
N TRP C 163 0.48 -10.44 17.86
CA TRP C 163 1.42 -9.38 18.25
C TRP C 163 1.63 -8.33 17.13
N PRO C 164 1.69 -8.73 15.83
CA PRO C 164 1.92 -7.62 14.88
C PRO C 164 0.73 -6.66 14.79
N THR C 165 -0.46 -7.13 15.09
CA THR C 165 -1.64 -6.26 15.14
C THR C 165 -1.41 -5.17 16.22
N LEU C 166 -0.80 -5.57 17.32
CA LEU C 166 -0.60 -4.67 18.46
C LEU C 166 0.61 -3.75 18.29
N MET C 167 1.60 -4.19 17.51
CA MET C 167 2.89 -3.49 17.46
C MET C 167 3.26 -2.91 16.10
N ARG C 168 2.67 -3.45 15.04
CA ARG C 168 2.87 -2.94 13.68
C ARG C 168 4.33 -2.93 13.24
N PRO C 169 4.94 -4.12 13.14
CA PRO C 169 6.35 -4.26 12.73
C PRO C 169 6.57 -3.91 11.27
N ASP C 170 7.81 -3.55 10.94
CA ASP C 170 8.21 -3.08 9.61
C ASP C 170 8.43 -4.21 8.61
N PHE C 171 9.10 -5.28 9.06
CA PHE C 171 9.44 -6.44 8.21
C PHE C 171 10.15 -6.03 6.92
N SER C 172 10.98 -5.01 6.97
CA SER C 172 11.56 -4.44 5.74
C SER C 172 12.67 -5.30 5.14
N SER C 173 13.17 -6.27 5.90
CA SER C 173 14.25 -7.14 5.44
C SER C 173 14.25 -8.48 6.18
N MET C 174 15.10 -9.41 5.73
CA MET C 174 15.25 -10.67 6.46
C MET C 174 15.84 -10.43 7.85
N ASP C 175 16.69 -9.41 7.96
CA ASP C 175 17.26 -9.03 9.24
C ASP C 175 16.22 -8.40 10.16
N ALA C 176 15.31 -7.63 9.58
CA ALA C 176 14.20 -7.10 10.35
C ALA C 176 13.35 -8.26 10.86
N LEU C 177 13.21 -9.29 10.03
CA LEU C 177 12.41 -10.46 10.36
C LEU C 177 12.91 -11.19 11.61
N THR C 178 14.20 -11.51 11.64
CA THR C 178 14.75 -12.28 12.76
C THR C 178 14.65 -11.49 14.06
N ALA C 179 14.74 -10.17 13.95
CA ALA C 179 14.74 -9.28 15.10
C ALA C 179 13.37 -9.18 15.76
N THR C 180 12.35 -9.67 15.08
CA THR C 180 10.99 -9.60 15.60
C THR C 180 10.65 -10.79 16.50
N ARG C 181 11.56 -11.75 16.61
CA ARG C 181 11.31 -12.94 17.43
C ARG C 181 11.14 -12.54 18.90
N SER C 182 11.81 -11.47 19.29
CA SER C 182 11.67 -10.95 20.64
C SER C 182 10.25 -10.43 20.88
N TYR C 183 9.66 -9.79 19.86
CA TYR C 183 8.29 -9.28 19.99
C TYR C 183 7.29 -10.41 20.24
N GLN C 184 7.49 -11.53 19.56
CA GLN C 184 6.61 -12.67 19.74
C GLN C 184 6.70 -13.17 21.18
N THR C 185 7.93 -13.26 21.68
CA THR C 185 8.17 -13.77 23.03
C THR C 185 7.59 -12.83 24.06
N ILE C 186 7.80 -11.54 23.86
CA ILE C 186 7.30 -10.54 24.80
C ILE C 186 5.77 -10.61 24.96
N ILE C 187 5.05 -10.66 23.85
CA ILE C 187 3.59 -10.73 23.93
C ILE C 187 3.15 -12.08 24.50
N GLU C 188 3.88 -13.16 24.20
CA GLU C 188 3.55 -14.47 24.77
C GLU C 188 3.61 -14.40 26.30
N LEU C 189 4.62 -13.69 26.80
CA LEU C 189 4.78 -13.51 28.26
C LEU C 189 3.65 -12.68 28.90
N PHE C 190 3.23 -11.62 28.22
CA PHE C 190 2.15 -10.80 28.76
C PHE C 190 0.86 -11.62 28.82
N ILE C 191 0.62 -12.44 27.79
CA ILE C 191 -0.55 -13.31 27.78
C ILE C 191 -0.45 -14.40 28.84
N GLN C 192 0.66 -15.12 28.85
CA GLN C 192 0.80 -16.26 29.76
C GLN C 192 0.84 -15.84 31.23
N GLN C 193 1.54 -14.73 31.50
CA GLN C 193 1.65 -14.25 32.88
C GLN C 193 0.79 -12.99 33.08
N CSX C 194 -0.36 -12.98 32.43
CA CSX C 194 -1.32 -11.91 32.61
CB CSX C 194 -2.60 -12.19 31.82
SG CSX C 194 -3.85 -10.96 31.83
C CSX C 194 -1.61 -11.52 34.07
O CSX C 194 -1.62 -10.33 34.43
OD CSX C 194 -4.57 -11.18 33.17
N PRO C 195 -1.83 -12.52 34.95
CA PRO C 195 -2.05 -12.17 36.37
C PRO C 195 -0.95 -11.31 37.01
N PHE C 196 0.31 -11.70 36.79
CA PHE C 196 1.44 -10.95 37.31
C PHE C 196 1.43 -9.51 36.80
N PHE C 197 1.14 -9.35 35.51
CA PHE C 197 1.24 -8.02 34.90
C PHE C 197 0.05 -7.11 35.23
N PHE C 198 -1.15 -7.69 35.37
CA PHE C 198 -2.37 -6.89 35.37
C PHE C 198 -3.30 -7.03 36.58
N TYR C 199 -3.15 -8.06 37.39
CA TYR C 199 -4.01 -8.18 38.56
C TYR C 199 -3.51 -7.22 39.64
N ASN C 200 -4.44 -6.61 40.36
CA ASN C 200 -4.10 -5.68 41.43
C ASN C 200 -5.10 -5.76 42.57
N ILE D 9 17.55 -28.68 -12.23
CA ILE D 9 17.04 -27.33 -12.43
C ILE D 9 16.33 -26.81 -11.17
N ARG D 10 16.67 -25.59 -10.76
CA ARG D 10 16.09 -25.02 -9.56
C ARG D 10 14.92 -24.11 -9.87
N LYS D 11 13.81 -24.34 -9.19
CA LYS D 11 12.65 -23.48 -9.34
C LYS D 11 12.09 -23.14 -7.96
N LYS D 12 11.49 -21.95 -7.86
CA LYS D 12 10.98 -21.44 -6.58
C LYS D 12 9.46 -21.37 -6.55
N LEU D 13 8.88 -22.04 -5.55
CA LEU D 13 7.46 -22.03 -5.32
C LEU D 13 7.15 -21.26 -4.04
N VAL D 14 6.13 -20.42 -4.10
CA VAL D 14 5.63 -19.75 -2.91
C VAL D 14 4.17 -20.12 -2.70
N ILE D 15 3.82 -20.53 -1.49
CA ILE D 15 2.45 -20.87 -1.20
C ILE D 15 1.82 -19.79 -0.30
N VAL D 16 0.61 -19.38 -0.67
CA VAL D 16 -0.14 -18.37 0.09
C VAL D 16 -1.60 -18.78 0.24
N GLY D 17 -2.30 -18.16 1.19
CA GLY D 17 -3.69 -18.48 1.43
C GLY D 17 -4.03 -18.25 2.89
N ASP D 18 -5.31 -18.28 3.22
CA ASP D 18 -5.78 -17.97 4.57
C ASP D 18 -5.06 -18.75 5.65
N GLY D 19 -4.99 -18.14 6.84
CA GLY D 19 -4.48 -18.82 8.01
C GLY D 19 -5.24 -20.12 8.23
N ALA D 20 -4.47 -21.19 8.50
CA ALA D 20 -4.97 -22.54 8.80
C ALA D 20 -5.72 -23.24 7.67
N CYS D 21 -5.53 -22.80 6.43
CA CYS D 21 -6.24 -23.46 5.33
C CYS D 21 -5.49 -24.67 4.81
N GLY D 22 -4.33 -24.95 5.40
CA GLY D 22 -3.63 -26.21 5.12
C GLY D 22 -2.37 -26.11 4.27
N LYS D 23 -1.75 -24.94 4.21
CA LYS D 23 -0.56 -24.71 3.39
C LYS D 23 0.66 -25.55 3.82
N THR D 24 0.97 -25.53 5.11
CA THR D 24 2.17 -26.22 5.60
C THR D 24 1.99 -27.72 5.47
N CSX D 25 0.81 -28.22 5.83
CA CSX D 25 0.52 -29.64 5.68
CB CSX D 25 -0.88 -29.94 6.15
SG CSX D 25 -0.99 -30.04 7.95
C CSX D 25 0.70 -30.10 4.22
O CSX D 25 1.20 -31.19 3.99
N LEU D 26 0.29 -29.27 3.27
CA LEU D 26 0.46 -29.59 1.86
C LEU D 26 1.95 -29.72 1.50
N LEU D 27 2.74 -28.76 1.96
CA LEU D 27 4.18 -28.76 1.69
C LEU D 27 4.90 -29.91 2.36
N ILE D 28 4.45 -30.26 3.57
CA ILE D 28 5.15 -31.27 4.38
C ILE D 28 4.84 -32.71 3.96
N VAL D 29 3.59 -32.99 3.62
CA VAL D 29 3.30 -34.32 3.09
C VAL D 29 4.02 -34.47 1.78
N ASN D 30 4.31 -33.35 1.15
CA ASN D 30 5.41 -33.16 0.24
C ASN D 30 4.95 -33.09 -1.20
N VAL D 38 0.76 -31.32 14.26
CA VAL D 38 0.91 -30.22 15.20
C VAL D 38 0.03 -29.02 14.82
N TYR D 39 -0.28 -28.17 15.79
CA TYR D 39 -1.05 -26.96 15.51
C TYR D 39 -0.18 -25.73 15.76
N VAL D 40 0.58 -25.36 14.74
CA VAL D 40 1.56 -24.28 14.85
C VAL D 40 1.47 -23.36 13.63
N PRO D 41 1.06 -22.10 13.83
CA PRO D 41 1.03 -21.18 12.70
C PRO D 41 2.44 -20.82 12.24
N THR D 42 2.64 -20.89 10.94
CA THR D 42 3.90 -20.51 10.29
C THR D 42 4.08 -19.01 10.30
N VAL D 43 5.32 -18.55 10.47
CA VAL D 43 5.65 -17.15 10.21
C VAL D 43 6.41 -17.07 8.88
N PHE D 44 7.49 -17.86 8.79
CA PHE D 44 8.37 -17.88 7.62
C PHE D 44 9.22 -19.14 7.67
N GLU D 45 9.01 -20.07 6.74
CA GLU D 45 9.86 -21.27 6.63
C GLU D 45 10.13 -21.62 5.17
N ASN D 46 11.24 -22.32 4.94
CA ASN D 46 11.59 -22.78 3.59
C ASN D 46 11.85 -24.28 3.58
N TYR D 47 11.45 -24.93 2.49
CA TYR D 47 11.68 -26.36 2.31
C TYR D 47 12.16 -26.60 0.88
N VAL D 48 12.54 -27.84 0.60
CA VAL D 48 12.92 -28.22 -0.76
C VAL D 48 12.35 -29.62 -1.06
N ALA D 49 11.89 -29.81 -2.28
CA ALA D 49 11.50 -31.14 -2.74
C ALA D 49 12.12 -31.45 -4.10
N ASP D 50 12.56 -32.69 -4.28
CA ASP D 50 12.99 -33.14 -5.59
C ASP D 50 11.79 -33.73 -6.32
N ILE D 51 11.54 -33.28 -7.54
CA ILE D 51 10.48 -33.86 -8.33
C ILE D 51 10.96 -34.03 -9.77
N GLU D 52 10.55 -35.13 -10.39
CA GLU D 52 10.81 -35.33 -11.79
C GLU D 52 9.49 -35.25 -12.55
N VAL D 53 9.44 -34.41 -13.57
CA VAL D 53 8.27 -34.34 -14.43
C VAL D 53 8.72 -34.35 -15.89
N ASP D 54 8.11 -35.24 -16.68
CA ASP D 54 8.41 -35.35 -18.10
C ASP D 54 9.90 -35.56 -18.35
N GLY D 55 10.55 -36.31 -17.46
CA GLY D 55 11.96 -36.64 -17.61
C GLY D 55 12.93 -35.57 -17.14
N LYS D 56 12.42 -34.54 -16.47
CA LYS D 56 13.26 -33.45 -16.00
C LYS D 56 13.28 -33.38 -14.47
N GLN D 57 14.48 -33.44 -13.91
CA GLN D 57 14.65 -33.40 -12.46
C GLN D 57 14.69 -31.95 -11.98
N VAL D 58 13.83 -31.62 -11.01
CA VAL D 58 13.73 -30.25 -10.53
C VAL D 58 13.89 -30.17 -9.02
N GLU D 59 14.81 -29.31 -8.57
CA GLU D 59 14.95 -28.99 -7.16
C GLU D 59 14.00 -27.84 -6.84
N LEU D 60 12.87 -28.16 -6.24
CA LEU D 60 11.82 -27.18 -6.05
C LEU D 60 11.93 -26.53 -4.67
N ALA D 61 12.20 -25.22 -4.65
CA ALA D 61 12.26 -24.48 -3.39
C ALA D 61 10.84 -24.17 -2.93
N LEU D 62 10.51 -24.52 -1.70
CA LEU D 62 9.15 -24.34 -1.17
C LEU D 62 9.15 -23.27 -0.10
N TRP D 63 8.65 -22.08 -0.45
CA TRP D 63 8.57 -20.95 0.48
C TRP D 63 7.22 -20.89 1.19
N ASP D 64 7.23 -21.18 2.50
CA ASP D 64 6.01 -21.21 3.30
C ASP D 64 5.75 -19.82 3.90
N THR D 65 4.49 -19.42 3.95
CA THR D 65 4.15 -18.09 4.42
C THR D 65 3.03 -18.11 5.47
N ALA D 66 2.86 -16.97 6.14
CA ALA D 66 1.78 -16.79 7.12
C ALA D 66 0.51 -16.23 6.50
N GLY D 67 -0.63 -16.86 6.79
CA GLY D 67 -1.89 -16.41 6.19
C GLY D 67 -2.57 -15.26 6.90
N GLN D 68 -2.14 -14.98 8.12
CA GLN D 68 -2.77 -13.93 8.92
C GLN D 68 -2.48 -12.57 8.34
N GLU D 69 -3.44 -11.66 8.47
CA GLU D 69 -3.26 -10.31 7.97
C GLU D 69 -2.21 -9.58 8.81
N ASP D 70 -1.89 -10.13 9.98
CA ASP D 70 -0.78 -9.63 10.81
C ASP D 70 0.53 -9.61 10.05
N TYR D 71 0.69 -10.53 9.11
CA TYR D 71 1.96 -10.67 8.41
C TYR D 71 1.90 -10.14 6.98
N ASP D 72 0.93 -9.26 6.71
CA ASP D 72 0.80 -8.69 5.37
C ASP D 72 2.08 -7.96 4.92
N ARG D 73 2.78 -7.30 5.84
CA ARG D 73 4.02 -6.59 5.48
C ARG D 73 5.21 -7.53 5.33
N LEU D 74 5.10 -8.73 5.90
CA LEU D 74 6.17 -9.71 5.84
C LEU D 74 6.14 -10.55 4.55
N ARG D 75 4.94 -10.91 4.10
CA ARG D 75 4.78 -11.79 2.95
C ARG D 75 5.54 -11.35 1.68
N PRO D 76 5.59 -10.04 1.38
CA PRO D 76 6.36 -9.62 0.20
C PRO D 76 7.83 -10.04 0.20
N LEU D 77 8.37 -10.38 1.37
CA LEU D 77 9.77 -10.80 1.41
C LEU D 77 9.94 -12.12 0.69
N SER D 78 8.86 -12.89 0.59
CA SER D 78 8.93 -14.21 -0.01
C SER D 78 8.75 -14.18 -1.52
N TYR D 79 8.17 -13.09 -2.04
CA TYR D 79 7.75 -13.03 -3.44
C TYR D 79 8.82 -12.93 -4.54
N PRO D 80 9.95 -12.23 -4.28
CA PRO D 80 10.92 -12.07 -5.38
C PRO D 80 11.37 -13.38 -6.06
N ASP D 81 11.40 -13.33 -7.39
CA ASP D 81 11.97 -14.40 -8.21
C ASP D 81 11.21 -15.70 -8.06
N THR D 82 9.94 -15.58 -7.73
CA THR D 82 9.05 -16.73 -7.67
C THR D 82 8.77 -17.25 -9.09
N ASP D 83 8.78 -18.57 -9.24
CA ASP D 83 8.49 -19.21 -10.52
C ASP D 83 7.06 -19.75 -10.59
N VAL D 84 6.48 -20.10 -9.44
CA VAL D 84 5.10 -20.57 -9.42
C VAL D 84 4.50 -20.30 -8.05
N ILE D 85 3.21 -19.95 -8.04
CA ILE D 85 2.46 -19.70 -6.80
C ILE D 85 1.39 -20.76 -6.59
N LEU D 86 1.34 -21.30 -5.38
CA LEU D 86 0.20 -22.10 -4.96
C LEU D 86 -0.69 -21.16 -4.16
N MET D 87 -1.86 -20.84 -4.70
CA MET D 87 -2.79 -20.00 -3.97
C MET D 87 -3.88 -20.90 -3.42
N CYS D 88 -3.95 -20.99 -2.09
CA CYS D 88 -4.79 -22.01 -1.47
C CYS D 88 -6.01 -21.46 -0.77
N PHE D 89 -7.06 -22.29 -0.76
CA PHE D 89 -8.17 -22.14 0.16
C PHE D 89 -8.48 -23.53 0.72
N SER D 90 -9.36 -23.59 1.69
CA SER D 90 -9.81 -24.88 2.23
C SER D 90 -11.23 -25.23 1.81
N ILE D 91 -11.45 -26.48 1.43
CA ILE D 91 -12.76 -26.87 0.94
C ILE D 91 -13.83 -26.83 2.05
N ASP D 92 -13.42 -26.86 3.31
CA ASP D 92 -14.39 -26.72 4.41
C ASP D 92 -14.54 -25.27 4.86
N SER D 93 -14.02 -24.34 4.05
CA SER D 93 -14.09 -22.92 4.39
C SER D 93 -14.52 -22.06 3.21
N PRO D 94 -15.82 -21.83 3.06
CA PRO D 94 -16.29 -20.91 2.03
C PRO D 94 -15.67 -19.51 2.21
N ASP D 95 -15.42 -19.10 3.45
CA ASP D 95 -14.76 -17.81 3.69
C ASP D 95 -13.41 -17.75 2.97
N SER D 96 -12.64 -18.83 3.06
CA SER D 96 -11.31 -18.87 2.48
C SER D 96 -11.38 -18.77 0.96
N LEU D 97 -12.44 -19.30 0.37
CA LEU D 97 -12.60 -19.15 -1.09
C LEU D 97 -12.96 -17.71 -1.44
N GLU D 98 -13.82 -17.09 -0.64
CA GLU D 98 -14.17 -15.70 -0.92
C GLU D 98 -12.95 -14.79 -0.77
N ASN D 99 -12.02 -15.15 0.12
CA ASN D 99 -10.81 -14.36 0.28
C ASN D 99 -9.85 -14.47 -0.90
N ILE D 100 -10.10 -15.44 -1.80
CA ILE D 100 -9.23 -15.60 -2.96
C ILE D 100 -9.31 -14.36 -3.86
N PRO D 101 -10.52 -13.93 -4.29
CA PRO D 101 -10.55 -12.70 -5.09
C PRO D 101 -10.44 -11.41 -4.26
N GLU D 102 -10.86 -11.49 -3.00
CA GLU D 102 -10.93 -10.28 -2.17
C GLU D 102 -9.57 -9.91 -1.58
N LYS D 103 -8.70 -10.91 -1.37
CA LYS D 103 -7.44 -10.65 -0.70
C LYS D 103 -6.21 -11.23 -1.42
N TRP D 104 -6.21 -12.52 -1.75
CA TRP D 104 -4.98 -13.13 -2.22
C TRP D 104 -4.67 -12.76 -3.65
N THR D 105 -5.69 -12.69 -4.49
CA THR D 105 -5.46 -12.40 -5.88
C THR D 105 -4.92 -10.97 -6.08
N PRO D 106 -5.57 -9.95 -5.47
CA PRO D 106 -4.96 -8.62 -5.63
C PRO D 106 -3.52 -8.55 -5.12
N GLU D 107 -3.22 -9.19 -4.01
CA GLU D 107 -1.86 -9.16 -3.49
C GLU D 107 -0.88 -9.85 -4.43
N VAL D 108 -1.23 -11.03 -4.91
CA VAL D 108 -0.31 -11.80 -5.74
C VAL D 108 -0.09 -11.14 -7.10
N LYS D 109 -1.17 -10.65 -7.70
CA LYS D 109 -1.10 -9.98 -9.00
C LYS D 109 -0.28 -8.69 -8.91
N HIS D 110 -0.25 -8.09 -7.74
CA HIS D 110 0.50 -6.85 -7.56
C HIS D 110 2.01 -7.12 -7.49
N PHE D 111 2.40 -8.14 -6.73
CA PHE D 111 3.80 -8.43 -6.51
C PHE D 111 4.40 -9.39 -7.56
N CYS D 112 3.56 -10.21 -8.16
CA CYS D 112 4.03 -11.21 -9.12
C CYS D 112 3.08 -11.34 -10.32
N PRO D 113 2.92 -10.24 -11.08
CA PRO D 113 1.90 -10.12 -12.13
C PRO D 113 1.93 -11.23 -13.19
N ASN D 114 3.10 -11.78 -13.49
CA ASN D 114 3.21 -12.75 -14.58
C ASN D 114 3.54 -14.18 -14.13
N VAL D 115 3.53 -14.42 -12.82
CA VAL D 115 3.80 -15.76 -12.31
C VAL D 115 2.54 -16.63 -12.40
N PRO D 116 2.69 -17.85 -12.93
CA PRO D 116 1.53 -18.74 -13.01
C PRO D 116 0.98 -19.11 -11.62
N ILE D 117 -0.34 -19.12 -11.50
CA ILE D 117 -1.00 -19.43 -10.23
C ILE D 117 -1.73 -20.75 -10.33
N ILE D 118 -1.45 -21.65 -9.39
CA ILE D 118 -2.27 -22.85 -9.26
C ILE D 118 -3.24 -22.59 -8.12
N LEU D 119 -4.53 -22.56 -8.42
CA LEU D 119 -5.52 -22.41 -7.36
C LEU D 119 -5.74 -23.78 -6.76
N VAL D 120 -5.51 -23.93 -5.46
CA VAL D 120 -5.54 -25.23 -4.80
C VAL D 120 -6.62 -25.27 -3.72
N GLY D 121 -7.52 -26.22 -3.82
CA GLY D 121 -8.53 -26.44 -2.80
C GLY D 121 -8.04 -27.54 -1.88
N ASN D 122 -7.70 -27.16 -0.65
CA ASN D 122 -7.18 -28.10 0.34
C ASN D 122 -8.28 -28.82 1.12
N LYS D 123 -7.89 -29.89 1.82
CA LYS D 123 -8.77 -30.58 2.75
C LYS D 123 -10.00 -31.16 2.05
N LYS D 124 -9.77 -31.72 0.87
CA LYS D 124 -10.84 -32.30 0.05
C LYS D 124 -11.56 -33.40 0.82
N ASP D 125 -10.85 -34.05 1.75
CA ASP D 125 -11.43 -35.12 2.56
C ASP D 125 -12.60 -34.61 3.39
N LEU D 126 -12.67 -33.30 3.60
CA LEU D 126 -13.72 -32.76 4.43
C LEU D 126 -15.00 -32.46 3.66
N ARG D 127 -14.96 -32.59 2.32
CA ARG D 127 -16.13 -32.23 1.53
C ARG D 127 -17.32 -33.11 1.86
N ASN D 128 -17.08 -34.40 2.08
CA ASN D 128 -18.15 -35.32 2.44
C ASN D 128 -17.97 -35.85 3.86
N ASP D 129 -17.21 -35.12 4.68
CA ASP D 129 -17.02 -35.45 6.09
C ASP D 129 -18.27 -35.12 6.88
N GLU D 130 -18.74 -36.07 7.68
CA GLU D 130 -20.00 -35.91 8.41
C GLU D 130 -19.97 -34.72 9.37
N HIS D 131 -18.90 -34.66 10.15
CA HIS D 131 -18.75 -33.65 11.19
C HIS D 131 -18.69 -32.25 10.58
N THR D 132 -17.96 -32.13 9.48
CA THR D 132 -17.81 -30.86 8.77
C THR D 132 -19.15 -30.34 8.25
N ARG D 133 -19.90 -31.23 7.61
CA ARG D 133 -21.20 -30.89 7.06
C ARG D 133 -22.12 -30.37 8.15
N ARG D 134 -22.13 -31.09 9.28
CA ARG D 134 -22.94 -30.73 10.43
C ARG D 134 -22.52 -29.40 11.02
N GLU D 135 -21.21 -29.24 11.25
CA GLU D 135 -20.69 -28.00 11.82
C GLU D 135 -20.91 -26.79 10.91
N LEU D 136 -20.69 -26.97 9.60
CA LEU D 136 -20.90 -25.86 8.68
C LEU D 136 -22.39 -25.52 8.54
N ALA D 137 -23.24 -26.55 8.58
CA ALA D 137 -24.69 -26.32 8.45
C ALA D 137 -25.23 -25.40 9.55
N LYS D 138 -24.57 -25.39 10.71
CA LYS D 138 -24.97 -24.55 11.82
C LYS D 138 -24.77 -23.06 11.54
N MET D 139 -23.90 -22.76 10.58
CA MET D 139 -23.65 -21.39 10.16
C MET D 139 -24.21 -21.15 8.76
N LYS D 140 -25.21 -21.95 8.39
CA LYS D 140 -25.80 -21.93 7.05
C LYS D 140 -24.74 -22.02 5.95
N GLN D 141 -23.67 -22.75 6.20
CA GLN D 141 -22.61 -22.94 5.21
C GLN D 141 -22.51 -24.39 4.77
N GLU D 142 -21.82 -24.61 3.65
CA GLU D 142 -21.55 -25.95 3.15
C GLU D 142 -20.16 -25.99 2.53
N PRO D 143 -19.58 -27.19 2.34
CA PRO D 143 -18.25 -27.24 1.72
C PRO D 143 -18.24 -26.69 0.30
N VAL D 144 -17.10 -26.18 -0.13
CA VAL D 144 -16.94 -25.66 -1.47
C VAL D 144 -17.12 -26.77 -2.51
N LYS D 145 -17.92 -26.50 -3.54
CA LYS D 145 -18.14 -27.46 -4.63
C LYS D 145 -17.00 -27.36 -5.64
N PRO D 146 -16.64 -28.48 -6.29
CA PRO D 146 -15.55 -28.46 -7.27
C PRO D 146 -15.74 -27.40 -8.36
N GLU D 147 -16.98 -27.22 -8.81
CA GLU D 147 -17.25 -26.26 -9.88
C GLU D 147 -17.10 -24.83 -9.38
N GLU D 148 -17.31 -24.61 -8.08
CA GLU D 148 -17.07 -23.30 -7.50
C GLU D 148 -15.58 -22.96 -7.54
N GLY D 149 -14.74 -23.95 -7.27
CA GLY D 149 -13.30 -23.75 -7.32
C GLY D 149 -12.83 -23.49 -8.74
N ARG D 150 -13.36 -24.27 -9.68
CA ARG D 150 -12.99 -24.11 -11.09
C ARG D 150 -13.44 -22.76 -11.63
N ASP D 151 -14.64 -22.33 -11.24
CA ASP D 151 -15.15 -21.03 -11.66
C ASP D 151 -14.22 -19.92 -11.16
N MET D 152 -13.78 -20.05 -9.91
CA MET D 152 -12.86 -19.06 -9.33
C MET D 152 -11.52 -19.07 -10.04
N ALA D 153 -11.03 -20.26 -10.41
CA ALA D 153 -9.78 -20.37 -11.15
C ALA D 153 -9.88 -19.63 -12.47
N ASN D 154 -11.01 -19.81 -13.16
CA ASN D 154 -11.27 -19.08 -14.41
C ASN D 154 -11.24 -17.58 -14.17
N ARG D 155 -11.95 -17.16 -13.13
CA ARG D 155 -12.07 -15.73 -12.79
C ARG D 155 -10.72 -15.07 -12.54
N ILE D 156 -9.80 -15.76 -11.86
CA ILE D 156 -8.52 -15.12 -11.55
C ILE D 156 -7.42 -15.44 -12.57
N GLY D 157 -7.75 -16.23 -13.59
CA GLY D 157 -6.78 -16.52 -14.64
C GLY D 157 -5.71 -17.50 -14.20
N ALA D 158 -6.09 -18.43 -13.32
CA ALA D 158 -5.16 -19.44 -12.83
C ALA D 158 -4.62 -20.34 -13.95
N PHE D 159 -3.38 -20.77 -13.79
CA PHE D 159 -2.75 -21.76 -14.67
C PHE D 159 -3.53 -23.07 -14.61
N GLY D 160 -3.97 -23.44 -13.41
CA GLY D 160 -4.76 -24.62 -13.23
C GLY D 160 -5.55 -24.59 -11.94
N TYR D 161 -6.44 -25.56 -11.78
CA TYR D 161 -7.18 -25.72 -10.54
C TYR D 161 -7.03 -27.16 -10.05
N MET D 162 -6.67 -27.30 -8.79
CA MET D 162 -6.45 -28.63 -8.21
C MET D 162 -7.08 -28.74 -6.85
N GLU D 163 -7.57 -29.94 -6.52
CA GLU D 163 -8.05 -30.22 -5.17
C GLU D 163 -7.24 -31.36 -4.56
N CYS D 164 -6.98 -31.27 -3.26
CA CYS D 164 -6.19 -32.30 -2.60
C CYS D 164 -6.55 -32.45 -1.13
N SER D 165 -6.11 -33.56 -0.56
CA SER D 165 -6.20 -33.77 0.88
C SER D 165 -4.83 -34.19 1.40
N ALA D 166 -4.18 -33.33 2.17
CA ALA D 166 -2.91 -33.69 2.76
C ALA D 166 -3.12 -34.82 3.77
N LYS D 167 -4.31 -34.83 4.38
CA LYS D 167 -4.62 -35.86 5.36
C LYS D 167 -4.61 -37.26 4.73
N THR D 168 -5.24 -37.41 3.57
CA THR D 168 -5.30 -38.72 2.93
C THR D 168 -4.24 -38.90 1.84
N LYS D 169 -3.53 -37.80 1.55
CA LYS D 169 -2.50 -37.72 0.50
C LYS D 169 -3.12 -37.62 -0.89
N ASP D 170 -4.45 -37.73 -0.95
CA ASP D 170 -5.16 -37.73 -2.23
C ASP D 170 -4.92 -36.43 -2.98
N GLY D 171 -4.33 -36.55 -4.17
CA GLY D 171 -4.17 -35.41 -5.06
C GLY D 171 -2.96 -34.52 -4.81
N VAL D 172 -2.23 -34.80 -3.74
CA VAL D 172 -1.10 -33.95 -3.36
C VAL D 172 0.04 -33.96 -4.38
N ARG D 173 0.49 -35.14 -4.78
CA ARG D 173 1.56 -35.25 -5.78
C ARG D 173 1.18 -34.53 -7.08
N GLU D 174 -0.06 -34.71 -7.51
CA GLU D 174 -0.53 -34.06 -8.73
C GLU D 174 -0.47 -32.53 -8.63
N VAL D 175 -0.68 -31.98 -7.43
CA VAL D 175 -0.56 -30.54 -7.25
C VAL D 175 0.87 -30.06 -7.55
N PHE D 176 1.85 -30.76 -6.98
CA PHE D 176 3.23 -30.33 -7.18
C PHE D 176 3.76 -30.71 -8.58
N GLU D 177 3.18 -31.75 -9.17
CA GLU D 177 3.51 -32.06 -10.56
C GLU D 177 3.08 -30.90 -11.47
N MET D 178 1.87 -30.39 -11.26
CA MET D 178 1.37 -29.29 -12.09
C MET D 178 2.13 -28.00 -11.80
N ALA D 179 2.39 -27.74 -10.52
CA ALA D 179 3.15 -26.56 -10.12
C ALA D 179 4.55 -26.56 -10.74
N THR D 180 5.18 -27.72 -10.79
CA THR D 180 6.52 -27.83 -11.36
C THR D 180 6.48 -27.59 -12.86
N ARG D 181 5.48 -28.15 -13.54
CA ARG D 181 5.34 -27.94 -14.98
C ARG D 181 5.13 -26.45 -15.25
N ALA D 182 4.28 -25.82 -14.45
CA ALA D 182 4.02 -24.39 -14.57
C ALA D 182 5.30 -23.57 -14.39
N ALA D 183 6.09 -23.95 -13.39
CA ALA D 183 7.34 -23.26 -13.06
C ALA D 183 8.35 -23.31 -14.20
N LEU D 184 8.38 -24.45 -14.91
CA LEU D 184 9.40 -24.67 -15.94
C LEU D 184 9.16 -23.82 -17.17
N GLN D 185 7.90 -23.74 -17.60
CA GLN D 185 7.52 -22.85 -18.68
C GLN D 185 7.60 -21.41 -18.16
N ALA D 186 7.17 -21.21 -16.92
CA ALA D 186 7.16 -19.90 -16.30
C ALA D 186 7.09 -20.03 -14.78
CL CL E . 11.24 20.73 -35.08
CL CL F . 2.04 -3.46 -22.69
PB GDP G . 6.75 22.12 -4.94
O1B GDP G . 6.43 21.40 -6.18
O2B GDP G . 8.23 22.13 -4.62
O3B GDP G . 5.85 21.64 -3.85
O3A GDP G . 6.22 23.60 -5.33
PA GDP G . 7.05 25.00 -5.30
O1A GDP G . 8.11 24.98 -6.39
O2A GDP G . 7.58 25.31 -3.93
O5' GDP G . 5.84 26.00 -5.66
C5' GDP G . 5.07 25.81 -6.85
C4' GDP G . 4.33 27.08 -7.16
O4' GDP G . 3.64 27.52 -5.97
C3' GDP G . 5.27 28.21 -7.55
O3' GDP G . 4.62 28.96 -8.56
C2' GDP G . 5.37 29.05 -6.28
O2' GDP G . 5.62 30.42 -6.60
C1' GDP G . 4.00 28.88 -5.69
N9 GDP G . 4.05 29.08 -4.22
C8 GDP G . 4.87 28.45 -3.36
N7 GDP G . 4.63 28.89 -2.09
C5 GDP G . 3.64 29.80 -2.17
C6 GDP G . 2.92 30.64 -1.20
O6 GDP G . 3.21 30.56 0.02
N1 GDP G . 1.97 31.44 -1.67
C2 GDP G . 1.64 31.52 -2.97
N2 GDP G . 0.66 32.36 -3.34
N3 GDP G . 2.26 30.78 -3.93
C4 GDP G . 3.26 29.92 -3.58
MG MG H . 9.95 21.43 -5.39
F1 MGF I . 6.59 18.32 -5.95
MG MGF I . 7.35 19.50 -7.10
F2 MGF I . 8.99 20.23 -6.77
F3 MGF I . 6.39 19.91 -8.59
CL CL J . -3.68 6.09 18.00
PB GDP K . -1.60 -23.35 7.38
O1B GDP K . -2.24 -22.92 6.07
O2B GDP K . -1.93 -22.29 8.38
O3B GDP K . -0.11 -23.55 7.25
O3A GDP K . -2.39 -24.59 7.99
PA GDP K . -1.75 -26.02 8.39
O1A GDP K . -1.12 -26.65 7.17
O2A GDP K . -0.73 -25.87 9.50
O5' GDP K . -3.09 -26.77 8.85
C5' GDP K . -3.93 -26.20 9.86
C4' GDP K . -4.93 -27.22 10.38
O4' GDP K . -5.56 -27.83 9.26
C3' GDP K . -4.27 -28.32 11.20
O3' GDP K . -5.19 -28.66 12.25
C2' GDP K . -4.16 -29.47 10.19
O2' GDP K . -4.17 -30.76 10.80
C1' GDP K . -5.41 -29.26 9.35
N9 GDP K . -5.27 -29.84 8.00
C8 GDP K . -4.31 -29.56 7.10
N7 GDP K . -4.50 -30.26 5.95
C5 GDP K . -5.63 -30.98 6.12
C6 GDP K . -6.41 -31.95 5.31
O6 GDP K . -6.01 -32.22 4.17
N1 GDP K . -7.53 -32.47 5.83
C2 GDP K . -7.94 -32.18 7.07
N2 GDP K . -9.09 -32.76 7.52
N3 GDP K . -7.28 -31.31 7.88
C4 GDP K . -6.14 -30.71 7.47
MG MG L . 1.60 -22.88 7.97
F1 MGF M . -1.23 -19.37 7.43
MG MGF M . -0.74 -20.30 8.90
F2 MGF M . 0.74 -21.38 8.91
F3 MGF M . -1.88 -20.24 10.29
#